data_5O1L
#
_entry.id   5O1L
#
_cell.length_a   56.758
_cell.length_b   62.796
_cell.length_c   64.416
_cell.angle_alpha   85.43
_cell.angle_beta   66.06
_cell.angle_gamma   74.16
#
_symmetry.space_group_name_H-M   'P 1'
#
loop_
_entity.id
_entity.type
_entity.pdbx_description
1 polymer 'Rubber oxygenase'
2 non-polymer 'PROTOPORPHYRIN IX CONTAINING FE'
3 non-polymer IMIDAZOLE
4 non-polymer (R,R)-2,3-BUTANEDIOL
5 non-polymer 1,2-ETHANEDIOL
6 water water
#
_entity_poly.entity_id   1
_entity_poly.type   'polypeptide(L)'
_entity_poly.pdbx_seq_one_letter_code
;MDGFSRRRMLMTGGALGAVGALGAATRALARPLWTWSPSASVAGTGVGVDPEYVWDEEADPVLAAVIDRGEVPAVNALLK
QWTRNDQALPGGLPGDLREFMEHARRMPSWADKAALDRGAQFSKTKGIYVGALYGLGSGLMSTAIPRESRAVYYSKGGAD
MKDRIAKTARLGYDIGDLDAYLPHGSMIVTAVKTRMVHAAVRHLLPQSPAWSQTSGGQKIPISQADIMVTWHSLATFVMR
KMKQWGVRVNTADAEAYLHVWQVSAHMLGVSDEYIPATWDAANAQSKQVLDPILAHTPEGEALTEVLLGIVAELDAGLTR
PLIGAFSRYTLGGEVGDMIGLAKQPVLERLIATAWPLLVAFREGLIPLPAVPAVLWTLEEALRKFVLLFLSEGRRIAIDI
PDVNRPS
;
_entity_poly.pdbx_strand_id   A,B
#
loop_
_chem_comp.id
_chem_comp.type
_chem_comp.name
_chem_comp.formula
BU3 non-polymer (R,R)-2,3-BUTANEDIOL 'C4 H10 O2'
EDO non-polymer 1,2-ETHANEDIOL 'C2 H6 O2'
HEM non-polymer 'PROTOPORPHYRIN IX CONTAINING FE' 'C34 H32 Fe N4 O4'
IMD non-polymer IMIDAZOLE 'C3 H5 N2 1'
#
# COMPACT_ATOMS: atom_id res chain seq x y z
N LEU A 29 -40.22 14.42 -33.92
CA LEU A 29 -40.28 13.66 -35.22
C LEU A 29 -38.98 12.88 -35.51
N ALA A 30 -37.83 13.54 -35.66
CA ALA A 30 -36.54 12.81 -35.87
C ALA A 30 -35.23 13.56 -35.52
N ARG A 31 -35.14 14.27 -34.38
CA ARG A 31 -33.88 15.03 -34.05
C ARG A 31 -33.12 14.61 -32.78
N PRO A 32 -33.49 15.12 -31.58
CA PRO A 32 -32.70 14.54 -30.46
C PRO A 32 -33.36 13.21 -29.94
N LEU A 33 -32.68 12.04 -30.02
CA LEU A 33 -33.29 10.89 -29.38
C LEU A 33 -33.14 11.00 -27.89
N TRP A 34 -34.00 10.33 -27.17
CA TRP A 34 -33.94 10.30 -25.71
C TRP A 34 -32.51 9.92 -25.27
N THR A 35 -32.07 10.62 -24.24
CA THR A 35 -30.70 10.33 -23.74
C THR A 35 -30.53 8.90 -23.19
N TRP A 36 -31.65 8.28 -22.75
CA TRP A 36 -31.64 6.92 -22.23
C TRP A 36 -32.02 5.88 -23.23
N SER A 37 -32.03 6.25 -24.49
CA SER A 37 -32.39 5.34 -25.59
C SER A 37 -31.34 4.21 -25.48
N PRO A 38 -31.74 2.97 -25.58
CA PRO A 38 -30.71 1.95 -25.67
C PRO A 38 -29.85 2.06 -26.93
N SER A 39 -30.27 2.79 -27.95
CA SER A 39 -29.53 2.92 -29.19
C SER A 39 -28.11 3.45 -29.06
N ALA A 40 -27.84 4.33 -28.10
CA ALA A 40 -26.51 4.88 -27.96
C ALA A 40 -25.73 4.15 -26.85
N SER A 41 -26.23 3.06 -26.36
CA SER A 41 -25.63 2.34 -25.23
C SER A 41 -24.75 1.19 -25.65
N VAL A 42 -24.02 0.65 -24.69
CA VAL A 42 -23.21 -0.54 -24.91
C VAL A 42 -24.07 -1.70 -25.36
N ALA A 43 -25.26 -1.89 -24.75
CA ALA A 43 -26.12 -2.99 -25.22
C ALA A 43 -26.58 -2.75 -26.62
N GLY A 44 -26.94 -1.51 -26.94
CA GLY A 44 -27.25 -1.15 -28.32
C GLY A 44 -28.66 -1.31 -28.69
N THR A 45 -29.44 -2.02 -27.87
CA THR A 45 -30.82 -2.32 -28.09
C THR A 45 -31.43 -2.66 -26.75
N GLY A 46 -32.74 -2.67 -26.73
CA GLY A 46 -33.47 -2.94 -25.51
C GLY A 46 -34.84 -2.28 -25.60
N VAL A 47 -35.59 -2.46 -24.54
CA VAL A 47 -36.95 -2.07 -24.47
C VAL A 47 -37.13 -0.55 -24.34
N GLY A 48 -36.31 0.07 -23.52
CA GLY A 48 -36.38 1.54 -23.25
C GLY A 48 -37.13 1.82 -21.95
N VAL A 49 -36.44 1.67 -20.85
CA VAL A 49 -36.97 1.78 -19.47
C VAL A 49 -36.31 2.93 -18.81
N ASP A 50 -37.02 3.86 -18.20
CA ASP A 50 -36.43 5.02 -17.55
C ASP A 50 -35.54 4.62 -16.33
N PRO A 51 -34.24 4.93 -16.41
CA PRO A 51 -33.34 4.52 -15.34
C PRO A 51 -33.50 5.27 -14.03
N GLU A 52 -34.34 6.30 -14.02
CA GLU A 52 -34.75 6.92 -12.73
C GLU A 52 -35.49 5.94 -11.84
N TYR A 53 -36.07 4.88 -12.43
CA TYR A 53 -36.86 3.92 -11.69
C TYR A 53 -36.37 2.53 -11.77
N VAL A 54 -35.04 2.43 -11.91
CA VAL A 54 -34.33 1.17 -11.92
C VAL A 54 -33.20 1.28 -10.90
N TRP A 55 -33.05 0.27 -10.07
CA TRP A 55 -32.01 0.23 -9.02
C TRP A 55 -31.11 -0.95 -9.32
N ASP A 56 -31.01 -1.95 -8.45
CA ASP A 56 -30.19 -3.15 -8.72
C ASP A 56 -31.05 -4.38 -8.38
N GLU A 57 -31.72 -4.91 -9.39
CA GLU A 57 -32.67 -6.00 -9.22
C GLU A 57 -32.05 -7.25 -8.63
N GLU A 58 -30.79 -7.53 -8.95
CA GLU A 58 -30.11 -8.70 -8.45
C GLU A 58 -29.59 -8.47 -7.02
N ALA A 59 -28.98 -7.34 -6.76
CA ALA A 59 -28.33 -7.12 -5.46
C ALA A 59 -29.32 -6.69 -4.37
N ASP A 60 -30.32 -5.91 -4.70
CA ASP A 60 -31.13 -5.27 -3.70
C ASP A 60 -31.82 -6.27 -2.72
N PRO A 61 -32.50 -7.27 -3.28
CA PRO A 61 -33.17 -8.23 -2.36
C PRO A 61 -32.19 -9.06 -1.55
N VAL A 62 -31.03 -9.36 -2.12
CA VAL A 62 -30.02 -10.13 -1.40
C VAL A 62 -29.52 -9.36 -0.21
N LEU A 63 -29.11 -8.11 -0.40
CA LEU A 63 -28.61 -7.32 0.68
C LEU A 63 -29.64 -7.01 1.75
N ALA A 64 -30.90 -6.84 1.33
CA ALA A 64 -31.96 -6.59 2.27
C ALA A 64 -32.07 -7.83 3.18
N ALA A 65 -31.99 -9.02 2.61
CA ALA A 65 -32.10 -10.28 3.38
C ALA A 65 -30.92 -10.47 4.31
N VAL A 66 -29.71 -10.19 3.83
CA VAL A 66 -28.51 -10.27 4.65
C VAL A 66 -28.60 -9.32 5.85
N ILE A 67 -29.05 -8.11 5.66
CA ILE A 67 -29.16 -7.15 6.72
C ILE A 67 -30.25 -7.63 7.75
N ASP A 68 -31.41 -7.97 7.20
CA ASP A 68 -32.56 -8.39 8.05
C ASP A 68 -32.29 -9.69 8.81
N ARG A 69 -31.43 -10.57 8.31
CA ARG A 69 -31.05 -11.80 9.04
C ARG A 69 -29.94 -11.59 10.01
N GLY A 70 -29.43 -10.38 10.20
CA GLY A 70 -28.38 -10.08 11.14
C GLY A 70 -27.01 -10.62 10.74
N GLU A 71 -26.79 -10.79 9.43
CA GLU A 71 -25.58 -11.42 8.94
C GLU A 71 -24.47 -10.43 8.57
N VAL A 72 -24.68 -9.13 8.74
CA VAL A 72 -23.67 -8.18 8.32
C VAL A 72 -22.32 -8.34 9.04
N PRO A 73 -22.31 -8.48 10.37
CA PRO A 73 -20.96 -8.53 11.02
C PRO A 73 -20.11 -9.74 10.53
N ALA A 74 -20.74 -10.89 10.40
CA ALA A 74 -20.05 -12.08 9.90
C ALA A 74 -19.65 -11.95 8.45
N VAL A 75 -20.58 -11.49 7.62
CA VAL A 75 -20.26 -11.20 6.23
C VAL A 75 -19.12 -10.23 6.12
N ASN A 76 -19.08 -9.15 6.89
CA ASN A 76 -17.92 -8.25 6.78
C ASN A 76 -16.64 -8.94 7.14
N ALA A 77 -16.68 -9.77 8.19
CA ALA A 77 -15.47 -10.45 8.58
C ALA A 77 -14.99 -11.48 7.55
N LEU A 78 -15.91 -12.13 6.86
CA LEU A 78 -15.57 -13.05 5.76
C LEU A 78 -15.03 -12.30 4.58
N LEU A 79 -15.68 -11.21 4.23
CA LEU A 79 -15.27 -10.46 3.04
C LEU A 79 -13.99 -9.70 3.19
N LYS A 80 -13.58 -9.46 4.41
CA LYS A 80 -12.29 -8.85 4.66
C LYS A 80 -11.19 -9.67 4.06
N GLN A 81 -11.39 -10.99 3.97
CA GLN A 81 -10.43 -11.92 3.43
C GLN A 81 -10.40 -11.99 1.90
N TRP A 82 -11.36 -11.39 1.24
CA TRP A 82 -11.48 -11.44 -0.23
C TRP A 82 -10.90 -10.15 -0.80
N THR A 83 -9.69 -10.20 -1.32
CA THR A 83 -8.93 -8.98 -1.63
C THR A 83 -8.39 -8.95 -3.04
N ARG A 84 -8.40 -10.01 -3.79
CA ARG A 84 -7.77 -10.00 -5.10
CA ARG A 84 -7.79 -9.95 -5.10
C ARG A 84 -8.69 -10.62 -6.13
N ASN A 85 -8.60 -10.12 -7.37
CA ASN A 85 -9.49 -10.49 -8.43
C ASN A 85 -9.53 -12.00 -8.74
N ASP A 86 -8.40 -12.67 -8.58
CA ASP A 86 -8.36 -14.10 -8.94
C ASP A 86 -8.67 -14.98 -7.73
N GLN A 87 -9.04 -14.41 -6.59
CA GLN A 87 -9.21 -15.25 -5.39
C GLN A 87 -10.56 -15.89 -5.34
N ALA A 88 -10.63 -17.12 -4.82
CA ALA A 88 -11.91 -17.75 -4.56
C ALA A 88 -12.65 -17.02 -3.43
N LEU A 89 -13.97 -17.04 -3.46
CA LEU A 89 -14.74 -16.42 -2.40
C LEU A 89 -14.46 -17.19 -1.12
N PRO A 90 -14.45 -16.48 0.02
CA PRO A 90 -14.28 -17.19 1.29
C PRO A 90 -15.43 -18.13 1.55
N GLY A 91 -15.13 -19.29 2.10
CA GLY A 91 -16.18 -20.24 2.44
C GLY A 91 -16.98 -19.67 3.61
N GLY A 92 -18.23 -20.09 3.71
CA GLY A 92 -19.06 -19.67 4.84
C GLY A 92 -20.02 -18.54 4.64
N LEU A 93 -20.00 -17.95 3.43
CA LEU A 93 -21.02 -16.95 3.14
C LEU A 93 -22.41 -17.53 3.09
N PRO A 94 -23.44 -16.74 3.45
CA PRO A 94 -24.82 -17.16 3.22
C PRO A 94 -25.02 -17.47 1.75
N GLY A 95 -25.77 -18.51 1.46
CA GLY A 95 -25.88 -19.03 0.08
C GLY A 95 -26.37 -18.05 -0.95
N ASP A 96 -27.36 -17.26 -0.61
CA ASP A 96 -27.92 -16.27 -1.55
C ASP A 96 -26.86 -15.21 -1.89
N LEU A 97 -26.09 -14.79 -0.91
CA LEU A 97 -25.03 -13.83 -1.17
C LEU A 97 -23.92 -14.47 -1.93
N ARG A 98 -23.52 -15.69 -1.62
CA ARG A 98 -22.50 -16.37 -2.40
C ARG A 98 -22.89 -16.44 -3.89
N GLU A 99 -24.12 -16.83 -4.16
CA GLU A 99 -24.58 -16.96 -5.53
C GLU A 99 -24.54 -15.59 -6.23
N PHE A 100 -25.00 -14.56 -5.53
CA PHE A 100 -24.94 -13.18 -6.07
C PHE A 100 -23.53 -12.85 -6.41
N MET A 101 -22.58 -13.06 -5.52
CA MET A 101 -21.20 -12.62 -5.72
C MET A 101 -20.52 -13.35 -6.83
N GLU A 102 -20.83 -14.64 -6.97
CA GLU A 102 -20.23 -15.45 -8.03
C GLU A 102 -20.66 -14.92 -9.41
N HIS A 103 -21.91 -14.47 -9.51
CA HIS A 103 -22.41 -13.88 -10.73
C HIS A 103 -21.85 -12.46 -10.94
N ALA A 104 -21.84 -11.68 -9.86
CA ALA A 104 -21.42 -10.29 -9.96
C ALA A 104 -19.96 -10.12 -10.27
N ARG A 105 -19.11 -11.10 -9.99
CA ARG A 105 -17.72 -10.97 -10.25
C ARG A 105 -17.31 -11.25 -11.73
N ARG A 106 -18.28 -11.67 -12.53
CA ARG A 106 -17.98 -11.99 -13.92
C ARG A 106 -17.81 -10.70 -14.75
N MET A 107 -16.74 -10.67 -15.49
CA MET A 107 -16.52 -9.59 -16.46
C MET A 107 -17.51 -9.68 -17.59
N PRO A 108 -17.90 -8.53 -18.17
CA PRO A 108 -18.80 -8.63 -19.30
C PRO A 108 -18.09 -9.28 -20.51
N SER A 109 -18.91 -9.85 -21.40
CA SER A 109 -18.38 -10.49 -22.59
C SER A 109 -17.66 -9.56 -23.59
N TRP A 110 -17.98 -8.24 -23.48
CA TRP A 110 -17.43 -7.25 -24.30
C TRP A 110 -16.22 -6.56 -23.70
N ALA A 111 -15.78 -7.00 -22.53
CA ALA A 111 -14.52 -6.45 -22.00
C ALA A 111 -13.35 -6.84 -22.83
N ASP A 112 -12.47 -5.90 -23.13
CA ASP A 112 -11.30 -6.14 -23.95
C ASP A 112 -10.06 -5.94 -23.08
N LYS A 113 -9.35 -7.02 -22.80
CA LYS A 113 -8.22 -7.00 -21.87
C LYS A 113 -7.17 -6.04 -22.35
N ALA A 114 -6.84 -6.02 -23.65
CA ALA A 114 -5.79 -5.15 -24.16
C ALA A 114 -6.16 -3.67 -23.93
N ALA A 115 -7.43 -3.34 -24.15
CA ALA A 115 -7.83 -1.97 -23.97
C ALA A 115 -7.83 -1.60 -22.51
N LEU A 116 -8.28 -2.50 -21.67
CA LEU A 116 -8.22 -2.23 -20.25
C LEU A 116 -6.78 -1.95 -19.80
N ASP A 117 -5.86 -2.74 -20.29
CA ASP A 117 -4.43 -2.55 -19.95
C ASP A 117 -3.96 -1.21 -20.46
N ARG A 118 -4.35 -0.83 -21.68
CA ARG A 118 -3.95 0.43 -22.24
C ARG A 118 -4.49 1.61 -21.46
N GLY A 119 -5.75 1.49 -21.05
CA GLY A 119 -6.33 2.54 -20.23
C GLY A 119 -5.72 2.72 -18.90
N ALA A 120 -5.32 1.59 -18.30
CA ALA A 120 -4.60 1.65 -17.01
C ALA A 120 -3.22 2.30 -17.21
N GLN A 121 -2.54 1.93 -18.28
CA GLN A 121 -1.24 2.58 -18.58
C GLN A 121 -1.38 4.06 -18.84
N PHE A 122 -2.42 4.46 -19.56
CA PHE A 122 -2.65 5.86 -19.81
C PHE A 122 -2.87 6.64 -18.53
N SER A 123 -3.69 6.10 -17.64
CA SER A 123 -4.02 6.71 -16.36
CA SER A 123 -4.00 6.75 -16.38
C SER A 123 -2.76 6.94 -15.54
N LYS A 124 -1.87 5.98 -15.55
CA LYS A 124 -0.58 6.13 -14.87
C LYS A 124 0.27 7.17 -15.52
N THR A 125 0.41 7.16 -16.85
CA THR A 125 1.23 8.15 -17.55
C THR A 125 0.79 9.54 -17.28
N LYS A 126 -0.52 9.72 -17.22
CA LYS A 126 -1.14 11.04 -17.01
C LYS A 126 -1.58 11.21 -15.58
N GLY A 127 -0.95 10.51 -14.64
CA GLY A 127 -1.45 10.38 -13.27
C GLY A 127 -1.58 11.63 -12.48
N ILE A 128 -0.67 12.58 -12.62
CA ILE A 128 -0.85 13.85 -11.88
C ILE A 128 -2.16 14.54 -12.28
N TYR A 129 -2.44 14.52 -13.60
CA TYR A 129 -3.62 15.19 -14.10
C TYR A 129 -4.89 14.47 -13.75
N VAL A 130 -4.91 13.15 -13.99
CA VAL A 130 -6.10 12.37 -13.64
C VAL A 130 -6.38 12.42 -12.14
N GLY A 131 -5.31 12.26 -11.37
CA GLY A 131 -5.48 12.20 -9.93
C GLY A 131 -5.94 13.53 -9.38
N ALA A 132 -5.42 14.63 -9.90
CA ALA A 132 -5.83 15.96 -9.44
C ALA A 132 -7.29 16.23 -9.84
N LEU A 133 -7.62 15.82 -11.05
CA LEU A 133 -8.99 15.98 -11.52
C LEU A 133 -9.99 15.15 -10.76
N TYR A 134 -9.70 13.89 -10.46
CA TYR A 134 -10.58 13.12 -9.60
C TYR A 134 -10.69 13.72 -8.24
N GLY A 135 -9.59 14.05 -7.63
CA GLY A 135 -9.56 14.40 -6.20
C GLY A 135 -10.11 15.74 -5.95
N LEU A 136 -9.71 16.75 -6.69
CA LEU A 136 -10.19 18.09 -6.50
C LEU A 136 -11.36 18.32 -7.35
N GLY A 137 -11.30 18.03 -8.65
CA GLY A 137 -12.35 18.36 -9.56
C GLY A 137 -13.59 17.57 -9.27
N SER A 138 -13.57 16.27 -9.53
CA SER A 138 -14.77 15.44 -9.33
C SER A 138 -15.17 15.41 -7.86
N GLY A 139 -14.19 15.36 -6.97
CA GLY A 139 -14.52 15.32 -5.53
C GLY A 139 -15.27 16.56 -5.05
N LEU A 140 -14.82 17.76 -5.43
CA LEU A 140 -15.55 18.98 -5.12
C LEU A 140 -16.84 19.08 -5.91
N MET A 141 -16.85 18.68 -7.20
CA MET A 141 -18.08 18.73 -7.94
C MET A 141 -19.14 17.90 -7.27
N SER A 142 -18.79 16.78 -6.65
CA SER A 142 -19.75 15.89 -6.01
C SER A 142 -20.58 16.63 -4.94
N THR A 143 -20.01 17.66 -4.37
CA THR A 143 -20.73 18.47 -3.33
C THR A 143 -21.76 19.38 -3.94
N ALA A 144 -21.78 19.50 -5.27
CA ALA A 144 -22.85 20.15 -6.01
C ALA A 144 -23.85 19.18 -6.68
N ILE A 145 -23.70 17.89 -6.46
CA ILE A 145 -24.67 16.88 -6.94
C ILE A 145 -25.61 16.53 -5.80
N PRO A 146 -26.86 17.04 -5.84
CA PRO A 146 -27.64 16.99 -4.59
C PRO A 146 -27.90 15.60 -4.08
N ARG A 147 -28.21 14.63 -4.97
CA ARG A 147 -28.50 13.30 -4.50
C ARG A 147 -27.32 12.56 -3.92
N GLU A 148 -26.14 12.77 -4.52
CA GLU A 148 -24.97 12.12 -4.01
C GLU A 148 -24.64 12.77 -2.66
N SER A 149 -24.67 14.12 -2.60
CA SER A 149 -24.34 14.80 -1.35
C SER A 149 -25.30 14.39 -0.23
N ARG A 150 -26.60 14.32 -0.51
CA ARG A 150 -27.56 13.94 0.52
C ARG A 150 -27.40 12.52 0.97
N ALA A 151 -27.17 11.60 0.03
CA ALA A 151 -26.96 10.22 0.43
C ALA A 151 -25.74 10.06 1.32
N VAL A 152 -24.61 10.69 0.96
CA VAL A 152 -23.43 10.52 1.71
C VAL A 152 -23.61 11.19 3.08
N TYR A 153 -24.22 12.36 3.08
CA TYR A 153 -24.39 13.14 4.33
C TYR A 153 -25.24 12.37 5.31
N TYR A 154 -26.34 11.79 4.86
CA TYR A 154 -27.29 11.10 5.76
C TYR A 154 -27.02 9.64 6.01
N SER A 155 -26.00 9.04 5.36
CA SER A 155 -25.70 7.59 5.59
C SER A 155 -25.09 7.38 6.98
N LYS A 156 -25.57 6.35 7.70
CA LYS A 156 -25.33 6.21 9.15
C LYS A 156 -24.48 5.03 9.59
N GLY A 157 -24.51 3.92 8.84
CA GLY A 157 -23.97 2.63 9.31
C GLY A 157 -22.54 2.30 8.93
N GLY A 158 -21.84 3.26 8.28
CA GLY A 158 -20.42 3.12 7.91
C GLY A 158 -19.49 3.90 8.84
N ALA A 159 -18.58 4.68 8.26
CA ALA A 159 -17.58 5.47 9.01
C ALA A 159 -18.02 6.93 9.11
N ASP A 160 -17.27 7.72 9.88
CA ASP A 160 -17.59 9.12 10.16
C ASP A 160 -17.54 10.01 8.92
N MET A 161 -18.14 11.18 9.06
CA MET A 161 -18.21 12.18 7.99
C MET A 161 -16.89 12.43 7.24
N LYS A 162 -15.83 12.67 8.01
CA LYS A 162 -14.51 12.94 7.47
C LYS A 162 -13.97 11.81 6.55
N ASP A 163 -14.03 10.60 7.05
CA ASP A 163 -13.64 9.41 6.31
C ASP A 163 -14.50 9.26 5.07
N ARG A 164 -15.80 9.52 5.17
CA ARG A 164 -16.72 9.36 4.04
C ARG A 164 -16.43 10.29 2.90
N ILE A 165 -16.15 11.56 3.19
CA ILE A 165 -15.93 12.51 2.11
C ILE A 165 -14.54 12.33 1.52
N ALA A 166 -13.57 11.95 2.31
CA ALA A 166 -12.24 11.59 1.81
C ALA A 166 -12.36 10.45 0.81
N LYS A 167 -13.17 9.46 1.15
CA LYS A 167 -13.39 8.32 0.20
C LYS A 167 -14.16 8.72 -1.05
N THR A 168 -15.10 9.65 -0.91
CA THR A 168 -15.82 10.21 -2.06
C THR A 168 -14.81 10.88 -3.01
N ALA A 169 -13.91 11.68 -2.46
CA ALA A 169 -12.95 12.38 -3.31
C ALA A 169 -11.95 11.44 -3.98
N ARG A 170 -11.80 10.23 -3.50
CA ARG A 170 -10.90 9.25 -4.09
CA ARG A 170 -10.90 9.26 -4.09
C ARG A 170 -11.57 8.39 -5.17
N LEU A 171 -12.85 8.62 -5.45
CA LEU A 171 -13.45 7.83 -6.48
C LEU A 171 -12.73 8.22 -7.77
N GLY A 172 -12.51 7.21 -8.53
CA GLY A 172 -11.73 7.25 -9.74
C GLY A 172 -10.41 6.57 -9.56
N TYR A 173 -9.79 6.67 -8.38
CA TYR A 173 -8.49 6.07 -8.21
C TYR A 173 -8.44 4.57 -8.32
N ASP A 174 -9.41 3.89 -7.75
CA ASP A 174 -9.42 2.43 -7.85
C ASP A 174 -9.75 1.99 -9.30
N ILE A 175 -10.72 2.68 -9.92
CA ILE A 175 -11.03 2.33 -11.29
C ILE A 175 -9.83 2.52 -12.21
N GLY A 176 -9.07 3.57 -11.96
CA GLY A 176 -7.89 3.89 -12.73
C GLY A 176 -6.62 3.25 -12.30
N ASP A 177 -6.72 2.27 -11.43
CA ASP A 177 -5.55 1.59 -10.92
C ASP A 177 -4.80 0.88 -12.02
N LEU A 178 -3.47 0.87 -11.90
CA LEU A 178 -2.62 0.26 -12.87
C LEU A 178 -2.83 -1.22 -13.12
N ASP A 179 -3.34 -1.92 -12.09
CA ASP A 179 -3.58 -3.34 -12.17
C ASP A 179 -5.04 -3.74 -12.13
N ALA A 180 -5.92 -2.74 -12.33
CA ALA A 180 -7.33 -2.84 -11.95
C ALA A 180 -7.96 -4.18 -12.26
N TYR A 181 -7.87 -4.67 -13.49
CA TYR A 181 -8.55 -5.84 -13.92
C TYR A 181 -7.62 -7.03 -14.18
N LEU A 182 -6.40 -6.96 -13.68
CA LEU A 182 -5.46 -8.10 -13.78
C LEU A 182 -5.74 -9.09 -12.68
N PRO A 183 -5.21 -10.32 -12.77
CA PRO A 183 -5.49 -11.31 -11.72
C PRO A 183 -5.06 -10.90 -10.32
N HIS A 184 -3.97 -10.16 -10.21
CA HIS A 184 -3.48 -9.69 -8.96
C HIS A 184 -4.01 -8.33 -8.53
N GLY A 185 -4.83 -7.72 -9.42
CA GLY A 185 -5.49 -6.51 -8.99
C GLY A 185 -6.71 -6.68 -8.21
N SER A 186 -7.47 -5.59 -7.99
CA SER A 186 -8.55 -5.65 -7.08
C SER A 186 -9.83 -4.90 -7.51
N MET A 187 -9.91 -4.42 -8.75
CA MET A 187 -11.10 -3.68 -9.08
C MET A 187 -12.33 -4.50 -9.18
N ILE A 188 -12.25 -5.78 -9.53
CA ILE A 188 -13.47 -6.58 -9.49
C ILE A 188 -13.99 -6.73 -8.06
N VAL A 189 -13.08 -6.99 -7.15
CA VAL A 189 -13.39 -7.04 -5.72
C VAL A 189 -14.04 -5.74 -5.26
N THR A 190 -13.42 -4.60 -5.59
CA THR A 190 -13.94 -3.31 -5.18
C THR A 190 -15.29 -3.06 -5.80
N ALA A 191 -15.44 -3.39 -7.10
CA ALA A 191 -16.73 -3.18 -7.74
C ALA A 191 -17.85 -4.00 -7.14
N VAL A 192 -17.61 -5.27 -6.87
CA VAL A 192 -18.60 -6.14 -6.31
C VAL A 192 -18.96 -5.67 -4.86
N LYS A 193 -17.95 -5.35 -4.07
CA LYS A 193 -18.23 -4.83 -2.73
C LYS A 193 -19.01 -3.53 -2.80
N THR A 194 -18.67 -2.61 -3.74
CA THR A 194 -19.40 -1.38 -3.89
C THR A 194 -20.83 -1.61 -4.25
N ARG A 195 -21.05 -2.53 -5.21
CA ARG A 195 -22.41 -2.87 -5.57
C ARG A 195 -23.23 -3.32 -4.36
N MET A 196 -22.59 -4.08 -3.49
CA MET A 196 -23.25 -4.58 -2.27
CA MET A 196 -23.25 -4.56 -2.28
C MET A 196 -23.47 -3.42 -1.26
N VAL A 197 -22.50 -2.54 -1.09
CA VAL A 197 -22.67 -1.35 -0.26
C VAL A 197 -23.87 -0.55 -0.75
N HIS A 198 -23.92 -0.23 -2.07
CA HIS A 198 -25.00 0.56 -2.58
C HIS A 198 -26.33 -0.16 -2.31
N ALA A 199 -26.41 -1.46 -2.51
CA ALA A 199 -27.61 -2.20 -2.27
C ALA A 199 -28.05 -2.11 -0.79
N ALA A 200 -27.11 -2.18 0.10
CA ALA A 200 -27.39 -1.99 1.53
C ALA A 200 -27.95 -0.62 1.78
N VAL A 201 -27.35 0.42 1.21
CA VAL A 201 -27.84 1.78 1.34
C VAL A 201 -29.26 1.95 0.89
N ARG A 202 -29.64 1.25 -0.16
CA ARG A 202 -31.00 1.35 -0.69
C ARG A 202 -32.00 0.79 0.32
N HIS A 203 -31.58 -0.20 1.10
CA HIS A 203 -32.43 -0.73 2.16
C HIS A 203 -32.44 0.21 3.39
N LEU A 204 -31.32 0.85 3.70
CA LEU A 204 -31.14 1.64 4.91
C LEU A 204 -31.64 3.06 4.84
N LEU A 205 -31.27 3.81 3.80
CA LEU A 205 -31.55 5.24 3.78
C LEU A 205 -33.06 5.55 3.84
N PRO A 206 -33.92 4.74 3.17
CA PRO A 206 -35.35 5.09 3.30
C PRO A 206 -35.89 4.98 4.71
N GLN A 207 -35.13 4.33 5.59
CA GLN A 207 -35.48 4.28 7.02
C GLN A 207 -34.95 5.51 7.79
N SER A 208 -34.31 6.47 7.14
CA SER A 208 -33.84 7.73 7.76
C SER A 208 -34.83 8.83 7.46
N PRO A 209 -35.51 9.37 8.49
CA PRO A 209 -36.43 10.45 8.15
C PRO A 209 -35.83 11.70 7.53
N ALA A 210 -34.62 12.06 7.92
CA ALA A 210 -33.95 13.23 7.34
C ALA A 210 -33.65 12.97 5.82
N TRP A 211 -33.30 11.74 5.47
CA TRP A 211 -33.05 11.45 4.04
C TRP A 211 -34.36 11.48 3.30
N SER A 212 -35.37 10.80 3.82
CA SER A 212 -36.67 10.73 3.15
C SER A 212 -37.29 12.08 2.95
N GLN A 213 -37.20 12.92 3.95
CA GLN A 213 -37.81 14.25 3.88
C GLN A 213 -37.13 15.17 2.93
N THR A 214 -35.84 14.94 2.62
CA THR A 214 -35.12 15.80 1.67
C THR A 214 -34.95 15.16 0.28
N SER A 215 -35.58 14.03 0.04
CA SER A 215 -35.32 13.25 -1.17
C SER A 215 -36.08 13.72 -2.40
N GLY A 216 -36.92 14.74 -2.26
CA GLY A 216 -37.69 15.26 -3.39
C GLY A 216 -38.61 14.24 -4.00
N GLY A 217 -39.13 13.32 -3.22
CA GLY A 217 -39.95 12.23 -3.77
C GLY A 217 -39.33 10.96 -4.32
N GLN A 218 -37.99 10.89 -4.32
CA GLN A 218 -37.35 9.66 -4.74
C GLN A 218 -37.52 8.70 -3.58
N LYS A 219 -38.04 7.54 -3.84
CA LYS A 219 -38.36 6.58 -2.79
C LYS A 219 -37.19 5.74 -2.35
N ILE A 220 -36.24 5.48 -3.26
CA ILE A 220 -35.11 4.60 -2.99
C ILE A 220 -33.89 5.33 -3.59
N PRO A 221 -32.81 5.42 -2.86
CA PRO A 221 -31.68 6.19 -3.38
C PRO A 221 -30.85 5.35 -4.40
N ILE A 222 -29.95 6.05 -5.04
CA ILE A 222 -28.93 5.46 -5.90
C ILE A 222 -29.58 4.69 -7.05
N SER A 223 -30.39 5.39 -7.82
CA SER A 223 -30.92 4.77 -9.04
C SER A 223 -29.81 4.62 -10.10
N GLN A 224 -30.07 3.82 -11.11
CA GLN A 224 -29.17 3.68 -12.27
CA GLN A 224 -29.09 3.71 -12.19
C GLN A 224 -28.84 5.05 -12.83
N ALA A 225 -29.86 5.90 -12.97
CA ALA A 225 -29.65 7.26 -13.49
C ALA A 225 -28.69 8.03 -12.59
N ASP A 226 -28.88 7.92 -11.28
CA ASP A 226 -28.01 8.59 -10.36
C ASP A 226 -26.51 8.12 -10.49
N ILE A 227 -26.35 6.83 -10.68
CA ILE A 227 -25.01 6.27 -10.83
C ILE A 227 -24.37 6.90 -12.09
N MET A 228 -25.13 6.95 -13.17
CA MET A 228 -24.59 7.53 -14.41
C MET A 228 -24.29 9.02 -14.33
N VAL A 229 -25.08 9.76 -13.56
CA VAL A 229 -24.72 11.15 -13.29
C VAL A 229 -23.36 11.26 -12.68
N THR A 230 -23.12 10.51 -11.61
CA THR A 230 -21.86 10.45 -10.93
C THR A 230 -20.74 9.99 -11.91
N TRP A 231 -21.05 8.99 -12.73
CA TRP A 231 -20.09 8.54 -13.73
C TRP A 231 -19.62 9.71 -14.66
N HIS A 232 -20.58 10.56 -15.07
CA HIS A 232 -20.25 11.70 -15.92
C HIS A 232 -19.38 12.72 -15.19
N SER A 233 -19.52 12.81 -13.88
CA SER A 233 -18.69 13.71 -13.04
C SER A 233 -17.28 13.19 -12.91
N LEU A 234 -17.05 11.96 -13.30
CA LEU A 234 -15.77 11.29 -13.26
C LEU A 234 -15.24 11.13 -14.64
N ALA A 235 -15.58 10.10 -15.38
CA ALA A 235 -15.03 9.82 -16.72
C ALA A 235 -15.14 10.99 -17.71
N THR A 236 -16.38 11.44 -17.91
CA THR A 236 -16.56 12.41 -19.00
C THR A 236 -15.89 13.73 -18.63
N PHE A 237 -16.01 14.13 -17.38
CA PHE A 237 -15.37 15.35 -16.91
C PHE A 237 -13.86 15.29 -17.01
N VAL A 238 -13.24 14.23 -16.56
CA VAL A 238 -11.79 14.15 -16.59
C VAL A 238 -11.29 14.19 -17.98
N MET A 239 -11.89 13.45 -18.90
CA MET A 239 -11.43 13.48 -20.31
C MET A 239 -11.57 14.88 -20.87
N ARG A 240 -12.69 15.54 -20.62
CA ARG A 240 -12.87 16.90 -21.12
C ARG A 240 -11.78 17.81 -20.62
N LYS A 241 -11.51 17.77 -19.36
CA LYS A 241 -10.50 18.69 -18.80
C LYS A 241 -9.11 18.35 -19.28
N MET A 242 -8.73 17.09 -19.42
CA MET A 242 -7.39 16.75 -19.89
C MET A 242 -7.21 17.34 -21.28
N LYS A 243 -8.20 17.17 -22.15
CA LYS A 243 -8.09 17.65 -23.52
C LYS A 243 -8.01 19.15 -23.48
N GLN A 244 -8.81 19.82 -22.67
CA GLN A 244 -8.81 21.30 -22.63
CA GLN A 244 -8.82 21.30 -22.63
C GLN A 244 -7.44 21.81 -22.21
N TRP A 245 -6.78 21.15 -21.29
CA TRP A 245 -5.45 21.53 -20.79
C TRP A 245 -4.33 21.23 -21.73
N GLY A 246 -4.56 20.53 -22.81
CA GLY A 246 -3.53 20.12 -23.74
C GLY A 246 -2.75 18.94 -23.33
N VAL A 247 -3.28 18.13 -22.45
CA VAL A 247 -2.67 16.85 -22.26
C VAL A 247 -2.73 16.08 -23.59
N ARG A 248 -1.67 15.33 -23.90
CA ARG A 248 -1.68 14.56 -25.16
C ARG A 248 -2.48 13.30 -24.98
N VAL A 249 -3.70 13.33 -25.52
CA VAL A 249 -4.63 12.21 -25.48
C VAL A 249 -4.89 11.78 -26.92
N ASN A 250 -4.17 10.74 -27.34
CA ASN A 250 -4.41 10.26 -28.66
C ASN A 250 -5.71 9.44 -28.69
N THR A 251 -6.21 9.17 -29.87
CA THR A 251 -7.51 8.54 -29.99
CA THR A 251 -7.56 8.58 -29.96
C THR A 251 -7.55 7.19 -29.31
N ALA A 252 -6.50 6.39 -29.47
CA ALA A 252 -6.49 5.06 -28.94
C ALA A 252 -6.54 5.10 -27.38
N ASP A 253 -5.78 6.03 -26.79
CA ASP A 253 -5.82 6.14 -25.33
C ASP A 253 -7.15 6.65 -24.86
N ALA A 254 -7.78 7.61 -25.52
CA ALA A 254 -9.09 8.08 -25.18
C ALA A 254 -10.08 6.95 -25.20
N GLU A 255 -10.02 6.13 -26.22
CA GLU A 255 -10.94 4.99 -26.32
C GLU A 255 -10.70 3.97 -25.23
N ALA A 256 -9.44 3.76 -24.87
CA ALA A 256 -9.12 2.79 -23.82
C ALA A 256 -9.58 3.29 -22.47
N TYR A 257 -9.41 4.58 -22.21
CA TYR A 257 -9.93 5.18 -20.98
C TYR A 257 -11.44 5.05 -20.89
N LEU A 258 -12.18 5.35 -21.95
CA LEU A 258 -13.60 5.12 -21.97
C LEU A 258 -13.94 3.67 -21.66
N HIS A 259 -13.22 2.76 -22.25
CA HIS A 259 -13.47 1.31 -22.04
C HIS A 259 -13.32 0.93 -20.60
N VAL A 260 -12.26 1.40 -19.95
CA VAL A 260 -12.14 1.16 -18.49
C VAL A 260 -13.37 1.60 -17.77
N TRP A 261 -13.87 2.79 -18.02
CA TRP A 261 -15.05 3.33 -17.37
C TRP A 261 -16.31 2.62 -17.75
N GLN A 262 -16.43 2.10 -18.96
CA GLN A 262 -17.60 1.34 -19.37
C GLN A 262 -17.63 0.00 -18.60
N VAL A 263 -16.51 -0.73 -18.60
CA VAL A 263 -16.48 -1.98 -17.92
C VAL A 263 -16.73 -1.74 -16.43
N SER A 264 -16.15 -0.66 -15.90
CA SER A 264 -16.34 -0.42 -14.46
C SER A 264 -17.78 -0.12 -14.13
N ALA A 265 -18.50 0.63 -14.94
CA ALA A 265 -19.94 0.88 -14.74
C ALA A 265 -20.68 -0.44 -14.74
N HIS A 266 -20.39 -1.33 -15.68
CA HIS A 266 -21.08 -2.67 -15.67
C HIS A 266 -20.77 -3.38 -14.39
N MET A 267 -19.51 -3.39 -13.94
CA MET A 267 -19.18 -4.17 -12.72
C MET A 267 -19.76 -3.55 -11.49
N LEU A 268 -20.08 -2.29 -11.51
CA LEU A 268 -20.81 -1.63 -10.39
C LEU A 268 -22.28 -1.88 -10.44
N GLY A 269 -22.79 -2.58 -11.45
CA GLY A 269 -24.20 -2.87 -11.54
C GLY A 269 -25.03 -2.00 -12.43
N VAL A 270 -24.39 -1.16 -13.27
CA VAL A 270 -25.13 -0.37 -14.25
C VAL A 270 -25.50 -1.30 -15.44
N SER A 271 -26.75 -1.35 -15.83
CA SER A 271 -27.15 -2.11 -16.98
C SER A 271 -26.47 -1.56 -18.23
N ASP A 272 -26.10 -2.48 -19.14
CA ASP A 272 -25.45 -2.08 -20.37
C ASP A 272 -26.33 -1.17 -21.19
N GLU A 273 -27.64 -1.20 -21.00
CA GLU A 273 -28.54 -0.32 -21.73
C GLU A 273 -28.43 1.16 -21.34
N TYR A 274 -27.69 1.45 -20.27
CA TYR A 274 -27.49 2.82 -19.80
C TYR A 274 -26.05 3.32 -19.90
N ILE A 275 -25.13 2.47 -20.28
CA ILE A 275 -23.71 2.88 -20.38
C ILE A 275 -23.44 3.40 -21.77
N PRO A 276 -22.94 4.62 -21.92
CA PRO A 276 -22.70 5.14 -23.27
C PRO A 276 -21.71 4.35 -24.04
N ALA A 277 -21.97 4.12 -25.33
CA ALA A 277 -21.07 3.31 -26.15
C ALA A 277 -19.84 4.04 -26.70
N THR A 278 -19.96 5.36 -26.79
CA THR A 278 -18.97 6.22 -27.40
C THR A 278 -18.79 7.51 -26.65
N TRP A 279 -17.63 8.19 -26.87
CA TRP A 279 -17.47 9.51 -26.34
C TRP A 279 -18.50 10.51 -26.80
N ASP A 280 -18.88 10.43 -28.06
CA ASP A 280 -19.92 11.34 -28.53
C ASP A 280 -21.20 11.19 -27.73
N ALA A 281 -21.61 9.97 -27.46
CA ALA A 281 -22.78 9.73 -26.67
C ALA A 281 -22.61 10.24 -25.24
N ALA A 282 -21.44 9.94 -24.65
CA ALA A 282 -21.23 10.33 -23.27
C ALA A 282 -21.21 11.85 -23.11
N ASN A 283 -20.55 12.55 -24.05
CA ASN A 283 -20.41 13.98 -23.94
C ASN A 283 -21.77 14.67 -24.07
N ALA A 284 -22.58 14.12 -24.99
CA ALA A 284 -23.92 14.71 -25.13
C ALA A 284 -24.80 14.45 -23.92
N GLN A 285 -24.70 13.25 -23.37
CA GLN A 285 -25.46 12.91 -22.18
C GLN A 285 -25.10 13.74 -20.96
N SER A 286 -23.80 13.93 -20.71
CA SER A 286 -23.36 14.74 -19.58
C SER A 286 -23.99 16.13 -19.60
N LYS A 287 -24.08 16.72 -20.80
CA LYS A 287 -24.67 18.07 -20.88
C LYS A 287 -26.10 18.08 -20.44
N GLN A 288 -26.84 16.99 -20.65
CA GLN A 288 -28.25 16.93 -20.32
C GLN A 288 -28.50 16.44 -18.91
N VAL A 289 -27.68 15.52 -18.40
CA VAL A 289 -27.98 14.89 -17.12
C VAL A 289 -27.14 15.30 -15.96
N LEU A 290 -25.94 15.88 -16.21
CA LEU A 290 -25.15 16.33 -15.11
C LEU A 290 -25.27 17.85 -14.99
N ASP A 291 -24.95 18.57 -16.04
CA ASP A 291 -24.86 20.06 -15.92
C ASP A 291 -26.11 20.69 -15.30
N PRO A 292 -27.32 20.32 -15.72
CA PRO A 292 -28.53 20.94 -15.17
C PRO A 292 -28.92 20.59 -13.74
N ILE A 293 -28.33 19.57 -13.13
CA ILE A 293 -28.68 19.20 -11.79
C ILE A 293 -27.76 19.74 -10.75
N LEU A 294 -26.63 20.34 -11.16
CA LEU A 294 -25.65 20.85 -10.20
C LEU A 294 -26.31 22.00 -9.44
N ALA A 295 -26.22 21.91 -8.14
CA ALA A 295 -26.90 22.86 -7.25
C ALA A 295 -26.25 22.85 -5.90
N HIS A 296 -26.21 24.03 -5.27
CA HIS A 296 -25.84 24.09 -3.90
C HIS A 296 -26.93 23.48 -3.03
N THR A 297 -26.52 22.76 -1.99
CA THR A 297 -27.43 22.26 -1.01
C THR A 297 -26.79 22.50 0.37
N PRO A 298 -27.62 22.52 1.44
CA PRO A 298 -27.04 22.57 2.79
C PRO A 298 -26.13 21.41 3.12
N GLU A 299 -26.49 20.21 2.67
CA GLU A 299 -25.68 19.02 2.91
C GLU A 299 -24.37 19.08 2.15
N GLY A 300 -24.47 19.46 0.89
CA GLY A 300 -23.25 19.59 0.06
C GLY A 300 -22.33 20.62 0.62
N GLU A 301 -22.88 21.75 1.12
CA GLU A 301 -22.08 22.80 1.76
C GLU A 301 -21.26 22.27 2.91
N ALA A 302 -21.88 21.45 3.75
CA ALA A 302 -21.20 20.85 4.86
C ALA A 302 -20.07 20.02 4.36
N LEU A 303 -20.33 19.21 3.33
CA LEU A 303 -19.30 18.35 2.79
C LEU A 303 -18.12 19.09 2.14
N THR A 304 -18.40 20.17 1.42
CA THR A 304 -17.34 20.97 0.82
C THR A 304 -16.35 21.42 1.91
N GLU A 305 -16.88 21.90 3.03
CA GLU A 305 -16.00 22.43 4.08
C GLU A 305 -15.18 21.32 4.68
N VAL A 306 -15.79 20.15 4.86
CA VAL A 306 -15.03 19.00 5.35
C VAL A 306 -13.94 18.62 4.35
N LEU A 307 -14.28 18.49 3.07
CA LEU A 307 -13.27 18.11 2.10
C LEU A 307 -12.15 19.15 2.01
N LEU A 308 -12.48 20.44 1.97
CA LEU A 308 -11.43 21.47 1.86
C LEU A 308 -10.47 21.41 3.05
N GLY A 309 -11.03 21.08 4.22
CA GLY A 309 -10.24 20.88 5.41
C GLY A 309 -9.34 19.69 5.35
N ILE A 310 -9.85 18.56 4.84
CA ILE A 310 -9.07 17.35 4.69
C ILE A 310 -7.86 17.61 3.78
N VAL A 311 -8.08 18.28 2.65
CA VAL A 311 -7.01 18.49 1.69
C VAL A 311 -5.93 19.43 2.24
N ALA A 312 -6.35 20.50 2.86
CA ALA A 312 -5.45 21.45 3.46
C ALA A 312 -4.63 20.83 4.61
N GLU A 313 -5.20 19.84 5.28
CA GLU A 313 -4.49 19.08 6.35
C GLU A 313 -3.46 18.05 5.90
N LEU A 314 -3.47 17.66 4.62
CA LEU A 314 -2.53 16.68 4.10
C LEU A 314 -1.16 17.31 4.11
N ASP A 315 -0.13 16.47 4.07
CA ASP A 315 1.26 16.95 4.05
C ASP A 315 1.69 17.21 2.61
N ALA A 316 0.88 17.93 1.85
CA ALA A 316 1.09 18.07 0.43
C ALA A 316 1.52 19.48 0.04
N GLY A 317 1.32 20.49 0.85
CA GLY A 317 1.61 21.86 0.46
C GLY A 317 0.44 22.53 -0.23
N LEU A 318 -0.73 21.91 -0.24
CA LEU A 318 -1.92 22.52 -0.84
C LEU A 318 -2.59 23.43 0.13
N THR A 319 -2.28 24.71 0.06
CA THR A 319 -2.87 25.66 0.96
C THR A 319 -4.29 25.99 0.56
N ARG A 320 -5.09 26.55 1.44
CA ARG A 320 -6.46 26.89 1.09
C ARG A 320 -6.57 27.76 -0.21
N PRO A 321 -5.67 28.76 -0.38
CA PRO A 321 -5.83 29.56 -1.58
C PRO A 321 -5.41 28.81 -2.82
N LEU A 322 -4.44 27.95 -2.74
CA LEU A 322 -4.07 27.12 -3.93
C LEU A 322 -5.19 26.17 -4.27
N ILE A 323 -5.81 25.55 -3.28
CA ILE A 323 -6.88 24.62 -3.56
C ILE A 323 -8.04 25.34 -4.19
N GLY A 324 -8.39 26.51 -3.68
CA GLY A 324 -9.46 27.26 -4.18
C GLY A 324 -9.22 27.71 -5.60
N ALA A 325 -8.03 28.24 -5.84
CA ALA A 325 -7.74 28.78 -7.14
C ALA A 325 -7.70 27.68 -8.19
N PHE A 326 -7.01 26.60 -7.88
CA PHE A 326 -6.92 25.51 -8.84
C PHE A 326 -8.26 24.83 -9.05
N SER A 327 -9.06 24.72 -7.98
CA SER A 327 -10.36 24.08 -8.14
C SER A 327 -11.34 24.98 -8.95
N ARG A 328 -11.29 26.29 -8.78
CA ARG A 328 -12.08 27.18 -9.55
C ARG A 328 -11.65 27.16 -10.98
N TYR A 329 -10.36 27.08 -11.25
CA TYR A 329 -9.87 26.99 -12.63
C TYR A 329 -10.40 25.70 -13.28
N THR A 330 -10.39 24.63 -12.52
CA THR A 330 -10.76 23.30 -13.02
C THR A 330 -12.25 23.23 -13.23
N LEU A 331 -13.05 23.69 -12.27
CA LEU A 331 -14.50 23.58 -12.36
C LEU A 331 -15.17 24.70 -13.12
N GLY A 332 -14.49 25.80 -13.24
CA GLY A 332 -15.08 27.04 -13.79
C GLY A 332 -15.70 27.84 -12.69
N GLY A 333 -15.83 29.13 -12.95
CA GLY A 333 -16.34 30.04 -11.94
C GLY A 333 -17.79 29.85 -11.58
N GLU A 334 -18.62 29.37 -12.50
CA GLU A 334 -20.04 29.11 -12.18
C GLU A 334 -20.22 28.00 -11.19
N VAL A 335 -19.53 26.87 -11.42
CA VAL A 335 -19.62 25.84 -10.43
C VAL A 335 -18.85 26.19 -9.17
N GLY A 336 -17.70 26.88 -9.32
CA GLY A 336 -17.01 27.26 -8.12
C GLY A 336 -17.84 28.15 -7.20
N ASP A 337 -18.57 29.05 -7.84
CA ASP A 337 -19.47 29.99 -7.08
C ASP A 337 -20.58 29.21 -6.42
N MET A 338 -21.14 28.23 -7.12
CA MET A 338 -22.20 27.39 -6.53
C MET A 338 -21.79 26.63 -5.31
N ILE A 339 -20.57 26.12 -5.31
CA ILE A 339 -20.00 25.42 -4.21
C ILE A 339 -19.54 26.35 -3.08
N GLY A 340 -19.29 27.61 -3.41
CA GLY A 340 -18.77 28.57 -2.43
C GLY A 340 -17.29 28.68 -2.33
N LEU A 341 -16.56 28.33 -3.41
CA LEU A 341 -15.10 28.45 -3.35
C LEU A 341 -14.73 29.93 -3.43
N ALA A 342 -13.97 30.38 -2.44
CA ALA A 342 -13.59 31.79 -2.39
C ALA A 342 -12.78 32.19 -3.65
N LYS A 343 -13.01 33.43 -4.09
CA LYS A 343 -12.32 33.95 -5.26
C LYS A 343 -10.83 34.21 -5.00
N GLN A 344 -10.00 33.78 -5.95
CA GLN A 344 -8.56 33.98 -5.92
C GLN A 344 -8.15 34.52 -7.30
N PRO A 345 -8.54 35.75 -7.65
CA PRO A 345 -8.31 36.23 -9.02
C PRO A 345 -6.88 36.32 -9.44
N VAL A 346 -5.97 36.68 -8.61
CA VAL A 346 -4.55 36.72 -9.01
C VAL A 346 -4.03 35.31 -9.31
N LEU A 347 -4.22 34.35 -8.40
CA LEU A 347 -3.76 33.03 -8.66
C LEU A 347 -4.53 32.39 -9.78
N GLU A 348 -5.80 32.63 -9.89
CA GLU A 348 -6.55 32.02 -11.01
C GLU A 348 -6.07 32.52 -12.38
N ARG A 349 -5.70 33.77 -12.49
CA ARG A 349 -5.17 34.30 -13.74
C ARG A 349 -3.75 33.77 -13.99
N LEU A 350 -2.91 33.63 -13.00
CA LEU A 350 -1.61 33.05 -13.15
C LEU A 350 -1.77 31.61 -13.67
N ILE A 351 -2.67 30.86 -13.05
CA ILE A 351 -2.90 29.46 -13.44
C ILE A 351 -3.45 29.36 -14.81
N ALA A 352 -4.44 30.18 -15.18
CA ALA A 352 -4.96 30.06 -16.53
C ALA A 352 -3.95 30.39 -17.59
N THR A 353 -3.06 31.34 -17.36
CA THR A 353 -2.04 31.71 -18.33
C THR A 353 -0.90 30.72 -18.39
N ALA A 354 -0.57 30.05 -17.29
CA ALA A 354 0.67 29.27 -17.29
C ALA A 354 0.47 27.78 -17.10
N TRP A 355 -0.64 27.32 -16.56
CA TRP A 355 -0.80 25.88 -16.40
C TRP A 355 -0.72 25.15 -17.74
N PRO A 356 -1.27 25.70 -18.82
CA PRO A 356 -1.11 24.96 -20.11
C PRO A 356 0.35 24.90 -20.55
N LEU A 357 1.18 25.83 -20.11
CA LEU A 357 2.61 25.79 -20.44
CA LEU A 357 2.61 25.78 -20.44
C LEU A 357 3.29 24.70 -19.68
N LEU A 358 2.91 24.52 -18.43
CA LEU A 358 3.50 23.43 -17.64
C LEU A 358 3.09 22.11 -18.28
N VAL A 359 1.82 22.01 -18.70
CA VAL A 359 1.37 20.78 -19.31
C VAL A 359 2.17 20.51 -20.60
N ALA A 360 2.27 21.53 -21.47
CA ALA A 360 3.04 21.33 -22.68
C ALA A 360 4.48 20.94 -22.44
N PHE A 361 5.08 21.53 -21.42
CA PHE A 361 6.46 21.14 -21.05
C PHE A 361 6.50 19.67 -20.62
N ARG A 362 5.58 19.26 -19.75
CA ARG A 362 5.58 17.85 -19.28
C ARG A 362 5.29 16.85 -20.38
N GLU A 363 4.53 17.31 -21.38
CA GLU A 363 4.29 16.53 -22.60
C GLU A 363 5.40 16.53 -23.59
N GLY A 364 6.48 17.24 -23.31
CA GLY A 364 7.65 17.23 -24.17
C GLY A 364 7.50 18.10 -25.41
N LEU A 365 6.60 19.07 -25.41
CA LEU A 365 6.32 19.83 -26.57
C LEU A 365 7.02 21.16 -26.66
N ILE A 366 7.42 21.72 -25.53
CA ILE A 366 8.11 23.00 -25.50
C ILE A 366 9.27 22.94 -24.58
N PRO A 367 10.24 23.87 -24.74
CA PRO A 367 11.27 23.98 -23.75
C PRO A 367 10.71 24.49 -22.42
N LEU A 368 11.47 24.33 -21.35
CA LEU A 368 11.11 24.80 -20.06
C LEU A 368 10.62 26.26 -20.07
N PRO A 369 9.38 26.53 -19.65
CA PRO A 369 8.79 27.82 -19.80
C PRO A 369 9.08 28.68 -18.60
N ALA A 370 9.16 29.97 -18.85
CA ALA A 370 9.35 30.96 -17.80
C ALA A 370 7.98 31.29 -17.25
N VAL A 371 7.64 30.70 -16.13
CA VAL A 371 6.35 30.95 -15.52
C VAL A 371 6.61 31.37 -14.07
N PRO A 372 5.61 31.99 -13.44
CA PRO A 372 5.75 32.30 -12.01
C PRO A 372 6.11 31.10 -11.15
N ALA A 373 6.94 31.30 -10.14
CA ALA A 373 7.40 30.24 -9.28
C ALA A 373 6.26 29.48 -8.63
N VAL A 374 5.17 30.17 -8.31
CA VAL A 374 4.06 29.48 -7.60
C VAL A 374 3.48 28.35 -8.52
N LEU A 375 3.62 28.45 -9.83
CA LEU A 375 3.16 27.34 -10.69
C LEU A 375 3.88 26.08 -10.37
N TRP A 376 5.17 26.16 -10.21
CA TRP A 376 5.94 24.93 -9.91
C TRP A 376 5.57 24.42 -8.53
N THR A 377 5.35 25.32 -7.57
CA THR A 377 4.91 24.94 -6.24
C THR A 377 3.56 24.23 -6.30
N LEU A 378 2.63 24.76 -7.06
CA LEU A 378 1.32 24.18 -7.22
C LEU A 378 1.43 22.80 -7.85
N GLU A 379 2.19 22.67 -8.94
CA GLU A 379 2.37 21.39 -9.57
C GLU A 379 2.89 20.36 -8.58
N GLU A 380 3.89 20.72 -7.74
CA GLU A 380 4.44 19.78 -6.77
C GLU A 380 3.45 19.43 -5.74
N ALA A 381 2.67 20.41 -5.26
CA ALA A 381 1.62 20.14 -4.25
C ALA A 381 0.56 19.18 -4.84
N LEU A 382 0.18 19.37 -6.08
CA LEU A 382 -0.76 18.41 -6.72
C LEU A 382 -0.12 17.03 -6.80
N ARG A 383 1.13 16.93 -7.16
CA ARG A 383 1.77 15.62 -7.27
C ARG A 383 1.78 14.92 -5.91
N LYS A 384 2.11 15.66 -4.84
CA LYS A 384 2.14 15.05 -3.52
C LYS A 384 0.71 14.66 -3.10
N PHE A 385 -0.28 15.47 -3.40
CA PHE A 385 -1.69 15.12 -3.16
C PHE A 385 -2.06 13.79 -3.83
N VAL A 386 -1.72 13.63 -5.08
CA VAL A 386 -2.08 12.41 -5.79
C VAL A 386 -1.40 11.20 -5.12
N LEU A 387 -0.12 11.33 -4.77
CA LEU A 387 0.58 10.23 -4.11
C LEU A 387 -0.05 9.89 -2.80
N LEU A 388 -0.50 10.88 -2.05
CA LEU A 388 -1.16 10.61 -0.79
C LEU A 388 -2.49 9.90 -1.02
N PHE A 389 -3.27 10.26 -2.04
CA PHE A 389 -4.52 9.56 -2.34
C PHE A 389 -4.26 8.19 -2.90
N LEU A 390 -3.17 7.94 -3.61
CA LEU A 390 -2.77 6.58 -3.94
C LEU A 390 -2.42 5.77 -2.68
N SER A 391 -1.60 6.32 -1.80
CA SER A 391 -1.20 5.63 -0.55
C SER A 391 -2.37 5.25 0.32
N GLU A 392 -3.30 6.18 0.57
CA GLU A 392 -4.35 6.01 1.56
C GLU A 392 -5.39 4.93 1.24
N GLY A 393 -5.84 4.87 0.00
CA GLY A 393 -6.77 3.83 -0.42
C GLY A 393 -6.21 2.43 -0.54
N ARG A 394 -4.91 2.29 -0.73
CA ARG A 394 -4.23 0.99 -0.59
C ARG A 394 -4.63 0.25 0.69
N ARG A 395 -5.23 -0.93 0.53
CA ARG A 395 -5.55 -1.88 1.63
C ARG A 395 -6.79 -1.61 2.56
N ILE A 396 -7.60 -0.56 2.27
CA ILE A 396 -8.75 -0.22 3.11
C ILE A 396 -9.88 -1.15 2.70
N ALA A 397 -10.58 -1.80 3.65
CA ALA A 397 -11.59 -2.82 3.27
C ALA A 397 -12.89 -2.09 3.17
N ILE A 398 -13.74 -2.54 2.25
CA ILE A 398 -15.06 -1.94 2.08
C ILE A 398 -16.03 -2.81 2.83
N ASP A 399 -16.66 -2.23 3.83
CA ASP A 399 -17.63 -2.96 4.69
C ASP A 399 -19.05 -2.62 4.31
N ILE A 400 -19.92 -3.57 4.43
CA ILE A 400 -21.35 -3.37 4.26
C ILE A 400 -21.85 -2.62 5.47
N PRO A 401 -22.63 -1.56 5.31
CA PRO A 401 -23.22 -0.91 6.49
C PRO A 401 -24.38 -1.72 7.06
N ASP A 402 -24.78 -1.46 8.28
CA ASP A 402 -25.95 -2.13 8.85
C ASP A 402 -26.87 -1.09 9.53
N VAL A 403 -27.83 -1.54 10.35
CA VAL A 403 -28.56 -0.69 11.34
C VAL A 403 -29.66 0.13 10.68
N ARG B 31 32.78 -34.96 12.39
CA ARG B 31 31.74 -35.26 11.37
C ARG B 31 30.81 -34.11 10.90
N PRO B 32 30.79 -32.93 11.55
CA PRO B 32 29.95 -31.92 10.87
C PRO B 32 30.70 -31.20 9.68
N LEU B 33 30.07 -31.21 8.51
CA LEU B 33 30.58 -30.52 7.33
C LEU B 33 30.65 -29.04 7.63
N TRP B 34 31.62 -28.35 7.02
CA TRP B 34 31.71 -26.89 7.13
C TRP B 34 30.30 -26.29 6.83
N THR B 35 29.97 -25.31 7.60
CA THR B 35 28.61 -24.73 7.51
C THR B 35 28.45 -24.01 6.19
N TRP B 36 29.53 -23.55 5.52
CA TRP B 36 29.46 -22.89 4.25
C TRP B 36 29.69 -23.79 3.07
N SER B 37 29.61 -25.10 3.31
CA SER B 37 29.65 -26.06 2.22
C SER B 37 28.53 -25.71 1.21
N PRO B 38 28.84 -25.66 -0.08
CA PRO B 38 27.75 -25.43 -1.03
C PRO B 38 26.77 -26.55 -1.08
N SER B 39 27.09 -27.75 -0.56
CA SER B 39 26.20 -28.87 -0.71
C SER B 39 24.86 -28.74 -0.05
N ALA B 40 24.72 -27.96 1.02
CA ALA B 40 23.46 -27.79 1.71
C ALA B 40 22.85 -26.41 1.37
N SER B 41 23.30 -25.80 0.27
CA SER B 41 22.81 -24.48 -0.15
C SER B 41 21.80 -24.64 -1.28
N VAL B 42 21.11 -23.52 -1.56
CA VAL B 42 20.22 -23.44 -2.70
C VAL B 42 20.94 -23.77 -4.00
N ALA B 43 22.16 -23.31 -4.22
CA ALA B 43 22.88 -23.63 -5.43
C ALA B 43 23.21 -25.08 -5.52
N GLY B 44 23.55 -25.68 -4.39
CA GLY B 44 23.91 -27.09 -4.42
C GLY B 44 25.31 -27.46 -4.84
N THR B 45 26.06 -26.49 -5.29
CA THR B 45 27.39 -26.67 -5.85
C THR B 45 28.14 -25.38 -5.78
N GLY B 46 29.46 -25.51 -5.83
CA GLY B 46 30.31 -24.33 -5.78
C GLY B 46 31.70 -24.80 -5.40
N VAL B 47 32.61 -23.83 -5.46
CA VAL B 47 34.07 -24.11 -5.37
C VAL B 47 34.50 -24.18 -3.90
N GLY B 48 33.78 -23.55 -2.97
CA GLY B 48 34.17 -23.53 -1.57
C GLY B 48 34.87 -22.26 -1.13
N VAL B 49 34.39 -21.15 -1.63
CA VAL B 49 34.87 -19.80 -1.27
C VAL B 49 34.26 -19.45 0.10
N ASP B 50 35.06 -18.90 1.01
CA ASP B 50 34.62 -18.54 2.33
C ASP B 50 33.84 -17.22 2.28
N PRO B 51 32.57 -17.21 2.65
CA PRO B 51 31.79 -15.99 2.58
C PRO B 51 32.17 -14.90 3.53
N GLU B 52 33.06 -15.19 4.51
CA GLU B 52 33.67 -14.13 5.30
C GLU B 52 34.50 -13.22 4.46
N TYR B 53 34.92 -13.63 3.27
CA TYR B 53 35.79 -12.83 2.41
C TYR B 53 35.23 -12.56 1.05
N VAL B 54 33.87 -12.49 1.02
CA VAL B 54 33.13 -12.17 -0.17
C VAL B 54 32.14 -11.03 0.20
N TRP B 55 32.06 -10.00 -0.64
CA TRP B 55 31.21 -8.86 -0.39
C TRP B 55 30.22 -8.78 -1.55
N ASP B 56 30.14 -7.71 -2.34
CA ASP B 56 29.26 -7.63 -3.49
C ASP B 56 30.06 -7.15 -4.71
N GLU B 57 30.60 -8.10 -5.48
CA GLU B 57 31.54 -7.69 -6.54
C GLU B 57 30.83 -6.92 -7.65
N GLU B 58 29.52 -7.06 -7.84
CA GLU B 58 28.78 -6.30 -8.84
C GLU B 58 28.48 -4.88 -8.31
N ALA B 59 27.98 -4.77 -7.09
CA ALA B 59 27.51 -3.48 -6.57
C ALA B 59 28.63 -2.59 -6.05
N ASP B 60 29.65 -3.15 -5.44
CA ASP B 60 30.62 -2.39 -4.72
C ASP B 60 31.34 -1.35 -5.59
N PRO B 61 31.89 -1.78 -6.71
CA PRO B 61 32.60 -0.76 -7.55
C PRO B 61 31.67 0.31 -8.11
N VAL B 62 30.43 -0.07 -8.42
CA VAL B 62 29.48 0.89 -8.96
C VAL B 62 29.16 1.95 -7.92
N LEU B 63 28.79 1.55 -6.72
CA LEU B 63 28.49 2.53 -5.68
C LEU B 63 29.64 3.39 -5.28
N ALA B 64 30.85 2.82 -5.29
CA ALA B 64 32.02 3.60 -4.99
C ALA B 64 32.19 4.71 -6.02
N ALA B 65 31.98 4.38 -7.28
CA ALA B 65 32.09 5.37 -8.39
C ALA B 65 31.02 6.44 -8.29
N VAL B 66 29.79 6.04 -8.01
CA VAL B 66 28.67 6.98 -7.86
C VAL B 66 28.94 7.95 -6.70
N ILE B 67 29.44 7.48 -5.58
CA ILE B 67 29.68 8.30 -4.47
C ILE B 67 30.86 9.28 -4.78
N ASP B 68 31.93 8.72 -5.32
CA ASP B 68 33.13 9.53 -5.65
C ASP B 68 32.87 10.56 -6.74
N ARG B 69 31.90 10.35 -7.62
CA ARG B 69 31.52 11.37 -8.62
C ARG B 69 30.58 12.42 -8.08
N GLY B 70 30.16 12.35 -6.83
CA GLY B 70 29.33 13.34 -6.22
C GLY B 70 27.88 13.20 -6.62
N GLU B 71 27.46 12.03 -7.09
CA GLU B 71 26.13 11.87 -7.69
C GLU B 71 25.05 11.38 -6.73
N VAL B 72 25.35 11.17 -5.46
CA VAL B 72 24.34 10.58 -4.55
C VAL B 72 23.05 11.43 -4.44
N PRO B 73 23.14 12.75 -4.22
CA PRO B 73 21.86 13.50 -4.07
C PRO B 73 20.93 13.41 -5.28
N ALA B 74 21.48 13.50 -6.46
CA ALA B 74 20.67 13.34 -7.67
C ALA B 74 20.15 11.97 -7.87
N VAL B 75 21.01 10.98 -7.66
CA VAL B 75 20.57 9.58 -7.71
C VAL B 75 19.43 9.34 -6.72
N ASN B 76 19.55 9.85 -5.49
CA ASN B 76 18.46 9.66 -4.55
C ASN B 76 17.17 10.28 -5.04
N ALA B 77 17.28 11.47 -5.68
CA ALA B 77 16.06 12.09 -6.14
C ALA B 77 15.39 11.33 -7.28
N LEU B 78 16.19 10.73 -8.15
CA LEU B 78 15.65 9.87 -9.23
C LEU B 78 15.07 8.58 -8.67
N LEU B 79 15.76 7.98 -7.71
CA LEU B 79 15.25 6.70 -7.19
C LEU B 79 14.04 6.77 -6.31
N LYS B 80 13.72 7.96 -5.81
CA LYS B 80 12.52 8.12 -5.08
C LYS B 80 11.30 7.80 -5.93
N GLN B 81 11.44 7.96 -7.25
N GLN B 81 11.37 7.97 -7.23
CA GLN B 81 10.39 7.69 -8.22
CA GLN B 81 10.22 7.66 -8.05
C GLN B 81 10.22 6.23 -8.61
C GLN B 81 10.07 6.22 -8.39
N TRP B 82 11.10 5.37 -8.11
CA TRP B 82 11.07 3.94 -8.49
C TRP B 82 10.46 3.25 -7.30
N THR B 83 9.17 2.85 -7.45
CA THR B 83 8.40 2.41 -6.28
C THR B 83 7.73 1.06 -6.42
N ARG B 84 7.70 0.47 -7.57
CA ARG B 84 7.03 -0.80 -7.72
C ARG B 84 7.85 -1.79 -8.55
N ASN B 85 7.64 -3.08 -8.24
CA ASN B 85 8.47 -4.15 -8.71
C ASN B 85 8.56 -4.22 -10.24
N ASP B 86 7.48 -3.93 -10.93
CA ASP B 86 7.51 -4.06 -12.40
C ASP B 86 7.83 -2.75 -13.09
N GLN B 87 8.22 -1.72 -12.35
CA GLN B 87 8.33 -0.34 -13.00
C GLN B 87 9.62 -0.21 -13.72
N ALA B 88 9.60 0.56 -14.85
CA ALA B 88 10.82 0.89 -15.52
C ALA B 88 11.72 1.78 -14.65
N LEU B 89 13.00 1.63 -14.78
CA LEU B 89 13.89 2.52 -14.02
C LEU B 89 13.69 3.93 -14.50
N PRO B 90 13.83 4.90 -13.60
CA PRO B 90 13.67 6.30 -14.02
C PRO B 90 14.76 6.72 -14.93
N GLY B 91 14.42 7.55 -15.91
CA GLY B 91 15.40 8.10 -16.79
C GLY B 91 16.39 9.01 -16.10
N GLY B 92 17.60 9.07 -16.59
CA GLY B 92 18.59 9.96 -16.01
C GLY B 92 19.61 9.38 -15.10
N LEU B 93 19.49 8.09 -14.74
CA LEU B 93 20.48 7.47 -13.89
C LEU B 93 21.82 7.39 -14.61
N PRO B 94 22.93 7.42 -13.87
CA PRO B 94 24.23 7.16 -14.47
C PRO B 94 24.25 5.77 -15.06
N GLY B 95 24.88 5.63 -16.20
CA GLY B 95 24.87 4.37 -16.94
C GLY B 95 25.29 3.12 -16.17
N ASP B 96 26.36 3.24 -15.39
CA ASP B 96 26.89 2.14 -14.65
C ASP B 96 25.86 1.65 -13.61
N LEU B 97 25.21 2.61 -12.94
CA LEU B 97 24.22 2.23 -11.95
C LEU B 97 22.98 1.69 -12.62
N ARG B 98 22.53 2.28 -13.73
CA ARG B 98 21.38 1.75 -14.41
C ARG B 98 21.59 0.27 -14.85
N GLU B 99 22.76 0.00 -15.37
CA GLU B 99 23.07 -1.39 -15.81
C GLU B 99 23.07 -2.34 -14.59
N PHE B 100 23.68 -1.91 -13.51
CA PHE B 100 23.67 -2.69 -12.26
C PHE B 100 22.23 -2.97 -11.86
N MET B 101 21.37 -1.98 -11.84
CA MET B 101 20.03 -2.14 -11.33
C MET B 101 19.18 -3.03 -12.17
N GLU B 102 19.39 -2.95 -13.49
CA GLU B 102 18.65 -3.80 -14.42
C GLU B 102 18.97 -5.30 -14.17
N HIS B 103 20.21 -5.57 -13.84
CA HIS B 103 20.60 -6.92 -13.53
C HIS B 103 20.13 -7.34 -12.13
N ALA B 104 20.30 -6.44 -11.16
CA ALA B 104 19.94 -6.72 -9.80
C ALA B 104 18.50 -6.97 -9.53
N ARG B 105 17.61 -6.43 -10.35
CA ARG B 105 16.21 -6.60 -10.16
C ARG B 105 15.65 -7.92 -10.63
N ARG B 106 16.47 -8.74 -11.27
CA ARG B 106 15.99 -10.03 -11.76
C ARG B 106 15.75 -11.05 -10.63
N MET B 107 14.60 -11.64 -10.62
CA MET B 107 14.28 -12.73 -9.67
C MET B 107 15.04 -13.96 -10.03
N PRO B 108 15.40 -14.78 -9.05
CA PRO B 108 16.03 -16.05 -9.41
C PRO B 108 15.01 -16.98 -10.11
N SER B 109 15.52 -17.86 -10.94
CA SER B 109 14.61 -18.76 -11.67
C SER B 109 13.98 -19.85 -10.83
N TRP B 110 14.54 -20.03 -9.60
CA TRP B 110 13.93 -20.93 -8.62
C TRP B 110 12.86 -20.27 -7.74
N ALA B 111 12.61 -18.98 -7.91
CA ALA B 111 11.49 -18.37 -7.22
C ALA B 111 10.15 -18.98 -7.65
N ASP B 112 9.31 -19.25 -6.69
CA ASP B 112 8.02 -19.92 -6.93
C ASP B 112 6.90 -19.01 -6.49
N LYS B 113 6.14 -18.51 -7.44
CA LYS B 113 5.08 -17.52 -7.16
C LYS B 113 4.06 -18.06 -6.15
N ALA B 114 3.63 -19.30 -6.27
CA ALA B 114 2.65 -19.85 -5.31
C ALA B 114 3.22 -19.86 -3.90
N ALA B 115 4.50 -20.26 -3.76
CA ALA B 115 5.07 -20.32 -2.41
C ALA B 115 5.29 -18.90 -1.89
N LEU B 116 5.71 -17.99 -2.73
CA LEU B 116 5.80 -16.62 -2.26
C LEU B 116 4.46 -16.11 -1.75
N ASP B 117 3.40 -16.39 -2.50
CA ASP B 117 2.07 -15.97 -2.04
C ASP B 117 1.64 -16.61 -0.76
N ARG B 118 1.92 -17.90 -0.65
CA ARG B 118 1.58 -18.61 0.58
C ARG B 118 2.33 -18.08 1.76
N GLY B 119 3.64 -17.78 1.56
CA GLY B 119 4.42 -17.21 2.63
C GLY B 119 3.96 -15.86 3.10
N ALA B 120 3.56 -15.02 2.15
CA ALA B 120 2.95 -13.75 2.50
C ALA B 120 1.65 -13.93 3.27
N GLN B 121 0.81 -14.85 2.83
CA GLN B 121 -0.43 -15.15 3.56
C GLN B 121 -0.19 -15.66 4.98
N PHE B 122 0.83 -16.54 5.12
CA PHE B 122 1.19 -17.03 6.43
C PHE B 122 1.61 -15.90 7.37
N SER B 123 2.46 -15.03 6.87
CA SER B 123 2.99 -13.91 7.63
CA SER B 123 2.98 -13.94 7.67
C SER B 123 1.87 -13.00 8.09
N LYS B 124 0.88 -12.77 7.23
CA LYS B 124 -0.31 -12.01 7.60
C LYS B 124 -1.09 -12.73 8.69
N THR B 125 -1.41 -13.99 8.49
CA THR B 125 -2.22 -14.75 9.46
C THR B 125 -1.58 -14.75 10.83
N LYS B 126 -0.26 -14.91 10.83
CA LYS B 126 0.49 -14.99 12.10
C LYS B 126 1.14 -13.67 12.44
N GLY B 127 0.59 -12.55 11.93
CA GLY B 127 1.25 -11.29 12.06
C GLY B 127 1.50 -10.76 13.41
N ILE B 128 0.69 -11.08 14.43
CA ILE B 128 1.01 -10.53 15.76
C ILE B 128 2.33 -11.16 16.24
N TYR B 129 2.48 -12.46 15.94
CA TYR B 129 3.67 -13.17 16.39
C TYR B 129 4.90 -12.76 15.60
N VAL B 130 4.77 -12.78 14.26
N VAL B 130 4.77 -12.83 14.26
CA VAL B 130 5.94 -12.41 13.47
CA VAL B 130 5.87 -12.42 13.38
C VAL B 130 6.34 -10.96 13.66
C VAL B 130 6.31 -10.97 13.61
N GLY B 131 5.34 -10.07 13.74
CA GLY B 131 5.67 -8.70 13.94
C GLY B 131 6.31 -8.42 15.26
N ALA B 132 5.85 -9.08 16.35
CA ALA B 132 6.47 -8.93 17.64
C ALA B 132 7.90 -9.46 17.65
N LEU B 133 8.04 -10.62 17.05
CA LEU B 133 9.36 -11.26 16.96
C LEU B 133 10.35 -10.49 16.14
N TYR B 134 9.96 -9.95 14.99
CA TYR B 134 10.88 -9.09 14.24
C TYR B 134 11.22 -7.85 15.04
N GLY B 135 10.18 -7.20 15.52
CA GLY B 135 10.36 -5.85 16.11
C GLY B 135 11.10 -5.84 17.43
N LEU B 136 10.72 -6.70 18.37
CA LEU B 136 11.36 -6.79 19.62
C LEU B 136 12.44 -7.79 19.60
N GLY B 137 12.19 -8.98 19.08
CA GLY B 137 13.10 -10.10 19.21
C GLY B 137 14.31 -9.86 18.37
N SER B 138 14.13 -9.90 17.06
CA SER B 138 15.27 -9.67 16.15
C SER B 138 15.87 -8.29 16.28
N GLY B 139 15.04 -7.27 16.49
CA GLY B 139 15.55 -5.92 16.65
C GLY B 139 16.49 -5.76 17.86
N LEU B 140 16.10 -6.31 19.01
CA LEU B 140 16.97 -6.31 20.18
C LEU B 140 18.13 -7.28 20.03
N MET B 141 17.92 -8.45 19.43
CA MET B 141 19.02 -9.35 19.22
C MET B 141 20.13 -8.72 18.43
N SER B 142 19.78 -7.88 17.46
CA SER B 142 20.75 -7.22 16.62
C SER B 142 21.76 -6.40 17.42
N THR B 143 21.38 -5.94 18.59
CA THR B 143 22.27 -5.15 19.43
C THR B 143 23.26 -6.01 20.18
N ALA B 144 23.14 -7.33 20.07
CA ALA B 144 24.15 -8.29 20.49
C ALA B 144 24.94 -8.93 19.35
N ILE B 145 24.73 -8.43 18.11
CA ILE B 145 25.55 -8.86 16.96
C ILE B 145 26.59 -7.76 16.70
N PRO B 146 27.85 -8.02 17.12
CA PRO B 146 28.81 -6.93 17.15
C PRO B 146 29.04 -6.19 15.82
N ARG B 147 29.10 -6.91 14.70
CA ARG B 147 29.35 -6.26 13.43
C ARG B 147 28.21 -5.45 12.93
N GLU B 148 27.00 -5.96 13.12
CA GLU B 148 25.82 -5.19 12.75
C GLU B 148 25.75 -3.94 13.63
N SER B 149 25.95 -4.12 14.93
CA SER B 149 25.84 -3.01 15.84
C SER B 149 26.90 -1.92 15.54
N ARG B 150 28.14 -2.32 15.30
CA ARG B 150 29.21 -1.36 15.01
CA ARG B 150 29.20 -1.34 15.02
C ARG B 150 28.98 -0.67 13.69
N ALA B 151 28.53 -1.41 12.66
CA ALA B 151 28.28 -0.77 11.40
C ALA B 151 27.19 0.26 11.48
N VAL B 152 26.08 -0.05 12.16
CA VAL B 152 25.00 0.87 12.27
C VAL B 152 25.41 2.06 13.14
N TYR B 153 26.12 1.77 14.21
CA TYR B 153 26.53 2.84 15.13
C TYR B 153 27.45 3.84 14.44
N TYR B 154 28.41 3.37 13.68
CA TYR B 154 29.44 4.26 13.03
C TYR B 154 29.00 4.82 11.70
N SER B 155 27.86 4.38 11.11
CA SER B 155 27.42 4.87 9.80
CA SER B 155 27.45 4.89 9.81
C SER B 155 26.90 6.30 9.95
N LYS B 156 27.24 7.15 8.98
CA LYS B 156 26.81 8.56 8.91
C LYS B 156 27.63 9.50 9.81
N GLY B 157 28.53 8.94 10.62
CA GLY B 157 29.20 9.67 11.71
C GLY B 157 28.65 9.34 13.11
N GLY B 158 27.48 8.69 13.19
CA GLY B 158 26.66 8.69 14.43
C GLY B 158 25.53 9.72 14.46
N ALA B 159 25.10 10.14 13.26
CA ALA B 159 23.98 11.06 13.06
C ALA B 159 22.72 10.28 12.69
N ASP B 160 21.58 10.98 12.61
CA ASP B 160 20.29 10.35 12.31
C ASP B 160 19.83 9.23 13.27
N MET B 161 20.45 9.06 14.43
CA MET B 161 20.47 7.75 15.09
C MET B 161 19.09 7.16 15.38
N LYS B 162 18.24 7.95 16.02
CA LYS B 162 16.88 7.52 16.37
C LYS B 162 16.03 7.11 15.14
N ASP B 163 16.04 7.96 14.12
CA ASP B 163 15.34 7.71 12.86
C ASP B 163 15.89 6.41 12.23
N ARG B 164 17.22 6.27 12.23
CA ARG B 164 17.86 5.08 11.64
C ARG B 164 17.54 3.77 12.33
N ILE B 165 17.57 3.78 13.64
CA ILE B 165 17.48 2.58 14.45
C ILE B 165 16.06 2.05 14.48
N ALA B 166 15.05 2.91 14.32
CA ALA B 166 13.67 2.46 14.11
C ALA B 166 13.64 1.50 12.90
N LYS B 167 14.34 1.89 11.85
CA LYS B 167 14.49 1.05 10.65
C LYS B 167 15.18 -0.31 10.85
N THR B 168 16.17 -0.38 11.72
CA THR B 168 16.73 -1.68 12.14
C THR B 168 15.65 -2.64 12.69
N ALA B 169 14.86 -2.12 13.62
CA ALA B 169 13.83 -2.96 14.25
C ALA B 169 12.70 -3.34 13.27
N ARG B 170 12.57 -2.62 12.16
CA ARG B 170 11.52 -2.90 11.17
C ARG B 170 11.94 -3.94 10.11
N LEU B 171 13.16 -4.43 10.22
CA LEU B 171 13.56 -5.44 9.28
C LEU B 171 12.68 -6.65 9.51
N GLY B 172 12.27 -7.17 8.40
CA GLY B 172 11.35 -8.28 8.33
C GLY B 172 10.01 -7.83 7.81
N TYR B 173 9.59 -6.60 8.11
CA TYR B 173 8.25 -6.21 7.68
C TYR B 173 8.12 -6.04 6.21
N ASP B 174 9.10 -5.52 5.52
CA ASP B 174 8.99 -5.36 4.06
C ASP B 174 9.07 -6.78 3.41
N ILE B 175 9.98 -7.62 3.90
CA ILE B 175 10.06 -8.98 3.36
C ILE B 175 8.75 -9.70 3.47
N GLY B 176 8.07 -9.50 4.59
CA GLY B 176 6.79 -10.12 4.87
C GLY B 176 5.60 -9.42 4.43
N ASP B 177 5.79 -8.43 3.55
CA ASP B 177 4.66 -7.69 3.05
C ASP B 177 3.69 -8.56 2.28
N LEU B 178 2.42 -8.24 2.39
CA LEU B 178 1.37 -8.99 1.68
C LEU B 178 1.46 -9.12 0.19
N ASP B 179 2.02 -8.09 -0.45
CA ASP B 179 2.17 -8.09 -1.91
C ASP B 179 3.64 -8.15 -2.37
N ALA B 180 4.49 -8.55 -1.48
CA ALA B 180 5.97 -8.33 -1.56
C ALA B 180 6.50 -8.54 -2.96
N TYR B 181 6.26 -9.70 -3.56
CA TYR B 181 6.80 -10.06 -4.85
C TYR B 181 5.84 -10.03 -6.02
N LEU B 182 4.69 -9.42 -5.82
CA LEU B 182 3.74 -9.23 -6.93
C LEU B 182 4.13 -8.02 -7.76
N PRO B 183 3.58 -7.83 -8.98
CA PRO B 183 4.00 -6.73 -9.82
C PRO B 183 3.86 -5.34 -9.21
N HIS B 184 2.85 -5.14 -8.38
CA HIS B 184 2.58 -3.92 -7.71
C HIS B 184 3.14 -3.81 -6.34
N GLY B 185 3.86 -4.85 -5.93
CA GLY B 185 4.50 -4.78 -4.61
C GLY B 185 5.84 -4.10 -4.78
N SER B 186 6.64 -4.14 -3.72
CA SER B 186 7.85 -3.38 -3.66
C SER B 186 9.05 -4.08 -3.10
N MET B 187 8.98 -5.39 -2.83
CA MET B 187 10.16 -6.00 -2.24
C MET B 187 11.34 -6.08 -3.11
N ILE B 188 11.17 -6.16 -4.43
CA ILE B 188 12.30 -6.12 -5.31
C ILE B 188 12.99 -4.77 -5.29
N VAL B 189 12.17 -3.72 -5.32
CA VAL B 189 12.66 -2.35 -5.16
C VAL B 189 13.41 -2.19 -3.86
N THR B 190 12.83 -2.67 -2.74
CA THR B 190 13.49 -2.50 -1.45
C THR B 190 14.78 -3.30 -1.43
N ALA B 191 14.77 -4.51 -1.95
CA ALA B 191 15.98 -5.33 -1.96
C ALA B 191 17.08 -4.72 -2.74
N VAL B 192 16.79 -4.22 -3.94
CA VAL B 192 17.79 -3.59 -4.80
C VAL B 192 18.31 -2.31 -4.15
N LYS B 193 17.46 -1.50 -3.59
CA LYS B 193 17.94 -0.30 -2.90
C LYS B 193 18.78 -0.65 -1.71
N THR B 194 18.40 -1.67 -0.93
CA THR B 194 19.20 -2.15 0.21
C THR B 194 20.54 -2.62 -0.22
N ARG B 195 20.59 -3.38 -1.30
CA ARG B 195 21.88 -3.84 -1.83
C ARG B 195 22.80 -2.67 -2.16
N MET B 196 22.23 -1.61 -2.71
N MET B 196 22.26 -1.60 -2.73
CA MET B 196 22.98 -0.39 -3.03
CA MET B 196 22.96 -0.36 -3.00
C MET B 196 23.42 0.34 -1.76
C MET B 196 23.40 0.38 -1.76
N VAL B 197 22.56 0.44 -0.75
CA VAL B 197 22.94 1.03 0.53
C VAL B 197 24.10 0.25 1.11
N HIS B 198 24.02 -1.08 1.18
CA HIS B 198 25.11 -1.83 1.77
C HIS B 198 26.38 -1.60 0.98
N ALA B 199 26.35 -1.56 -0.30
CA ALA B 199 27.52 -1.32 -1.12
C ALA B 199 28.10 0.08 -0.83
N ALA B 200 27.26 1.07 -0.63
CA ALA B 200 27.74 2.40 -0.26
C ALA B 200 28.42 2.33 1.09
N VAL B 201 27.83 1.66 2.10
CA VAL B 201 28.41 1.52 3.43
C VAL B 201 29.81 0.89 3.31
N ARG B 202 30.02 -0.06 2.45
CA ARG B 202 31.33 -0.72 2.28
C ARG B 202 32.36 0.27 1.81
N HIS B 203 31.97 1.24 1.04
CA HIS B 203 32.90 2.31 0.61
C HIS B 203 33.11 3.30 1.74
N LEU B 204 32.08 3.63 2.52
CA LEU B 204 32.13 4.74 3.50
C LEU B 204 32.74 4.31 4.82
N LEU B 205 32.35 3.20 5.42
CA LEU B 205 32.81 2.85 6.74
C LEU B 205 34.33 2.71 6.87
N PRO B 206 35.02 2.14 5.88
CA PRO B 206 36.49 2.06 6.04
C PRO B 206 37.15 3.41 6.09
N GLN B 207 36.44 4.47 5.69
CA GLN B 207 36.96 5.85 5.87
C GLN B 207 36.68 6.40 7.27
N SER B 208 36.11 5.63 8.19
CA SER B 208 35.83 6.07 9.56
C SER B 208 36.88 5.46 10.47
N PRO B 209 37.72 6.32 11.10
CA PRO B 209 38.70 5.66 11.95
C PRO B 209 38.14 4.86 13.16
N ALA B 210 37.04 5.31 13.72
CA ALA B 210 36.39 4.59 14.80
C ALA B 210 35.87 3.19 14.34
N TRP B 211 35.36 3.08 13.10
CA TRP B 211 34.91 1.79 12.60
C TRP B 211 36.12 0.91 12.37
N SER B 212 37.14 1.44 11.66
CA SER B 212 38.31 0.65 11.36
C SER B 212 39.00 0.14 12.58
N GLN B 213 39.12 0.99 13.59
CA GLN B 213 39.84 0.61 14.80
C GLN B 213 39.14 -0.44 15.61
N THR B 214 37.80 -0.57 15.48
CA THR B 214 37.06 -1.57 16.24
C THR B 214 36.63 -2.78 15.42
N SER B 215 37.13 -2.90 14.19
CA SER B 215 36.62 -3.89 13.25
C SER B 215 37.24 -5.26 13.40
N GLY B 216 38.20 -5.40 14.38
CA GLY B 216 38.76 -6.70 14.64
C GLY B 216 39.46 -7.33 13.45
N GLY B 217 40.04 -6.50 12.58
CA GLY B 217 40.69 -7.01 11.40
C GLY B 217 39.90 -7.21 10.13
N GLN B 218 38.57 -7.12 10.19
CA GLN B 218 37.79 -7.11 8.98
C GLN B 218 38.04 -5.79 8.26
N LYS B 219 38.44 -5.85 7.02
CA LYS B 219 38.84 -4.65 6.27
C LYS B 219 37.67 -3.94 5.59
N ILE B 220 36.62 -4.71 5.27
CA ILE B 220 35.45 -4.17 4.56
C ILE B 220 34.25 -4.73 5.28
N PRO B 221 33.28 -3.88 5.62
CA PRO B 221 32.14 -4.35 6.37
C PRO B 221 31.13 -5.12 5.52
N ILE B 222 30.20 -5.75 6.20
CA ILE B 222 29.05 -6.36 5.55
C ILE B 222 29.45 -7.44 4.55
N SER B 223 30.17 -8.42 5.01
CA SER B 223 30.47 -9.60 4.16
C SER B 223 29.16 -10.40 3.94
N GLN B 224 29.21 -11.29 2.97
CA GLN B 224 28.09 -12.21 2.71
C GLN B 224 27.82 -13.02 3.97
N ALA B 225 28.86 -13.47 4.68
CA ALA B 225 28.67 -14.20 5.96
C ALA B 225 27.94 -13.32 6.94
N ASP B 226 28.29 -12.05 7.04
CA ASP B 226 27.64 -11.12 7.93
C ASP B 226 26.11 -10.98 7.61
N ILE B 227 25.83 -10.89 6.31
CA ILE B 227 24.43 -10.83 5.87
C ILE B 227 23.67 -12.06 6.35
N MET B 228 24.26 -13.24 6.18
CA MET B 228 23.60 -14.45 6.59
C MET B 228 23.44 -14.62 8.08
N VAL B 229 24.40 -14.11 8.86
CA VAL B 229 24.24 -14.05 10.31
C VAL B 229 22.98 -13.26 10.66
N THR B 230 22.82 -12.07 10.12
CA THR B 230 21.66 -11.29 10.32
C THR B 230 20.39 -12.01 9.82
N TRP B 231 20.49 -12.68 8.67
CA TRP B 231 19.40 -13.47 8.17
C TRP B 231 18.89 -14.51 9.21
N HIS B 232 19.83 -15.18 9.87
CA HIS B 232 19.47 -16.15 10.93
C HIS B 232 18.82 -15.51 12.11
N SER B 233 19.16 -14.25 12.39
CA SER B 233 18.54 -13.50 13.51
C SER B 233 17.10 -13.15 13.18
N LEU B 234 16.73 -13.21 11.88
CA LEU B 234 15.41 -12.92 11.38
C LEU B 234 14.67 -14.22 11.08
N ALA B 235 14.83 -14.80 9.90
CA ALA B 235 14.08 -15.95 9.46
C ALA B 235 14.16 -17.13 10.44
N THR B 236 15.36 -17.61 10.74
CA THR B 236 15.49 -18.87 11.48
C THR B 236 14.99 -18.66 12.87
N PHE B 237 15.32 -17.53 13.47
CA PHE B 237 14.85 -17.19 14.82
C PHE B 237 13.33 -17.13 14.88
N VAL B 238 12.67 -16.42 13.99
CA VAL B 238 11.25 -16.27 14.06
C VAL B 238 10.59 -17.60 13.95
N MET B 239 10.99 -18.44 13.00
CA MET B 239 10.34 -19.74 12.87
C MET B 239 10.56 -20.57 14.13
N ARG B 240 11.79 -20.58 14.65
CA ARG B 240 12.07 -21.36 15.89
C ARG B 240 11.17 -20.92 16.97
N LYS B 241 11.01 -19.66 17.20
CA LYS B 241 10.16 -19.18 18.31
C LYS B 241 8.72 -19.47 18.07
N MET B 242 8.21 -19.30 16.89
CA MET B 242 6.79 -19.59 16.61
C MET B 242 6.52 -21.08 16.89
N LYS B 243 7.40 -21.97 16.43
CA LYS B 243 7.16 -23.41 16.69
C LYS B 243 7.27 -23.67 18.17
N GLN B 244 8.21 -23.08 18.86
CA GLN B 244 8.40 -23.36 20.30
CA GLN B 244 8.41 -23.35 20.29
C GLN B 244 7.18 -22.90 21.08
N TRP B 245 6.57 -21.81 20.72
CA TRP B 245 5.41 -21.24 21.37
C TRP B 245 4.13 -21.98 21.07
N GLY B 246 4.14 -22.90 20.12
CA GLY B 246 2.93 -23.60 19.68
C GLY B 246 2.04 -22.84 18.74
N VAL B 247 2.60 -21.88 17.99
CA VAL B 247 1.86 -21.40 16.84
C VAL B 247 1.67 -22.53 15.86
N ARG B 248 0.49 -22.61 15.22
CA ARG B 248 0.20 -23.62 14.23
C ARG B 248 0.95 -23.33 12.91
N VAL B 249 2.01 -24.08 12.68
CA VAL B 249 2.83 -23.94 11.42
C VAL B 249 2.86 -25.31 10.75
N ASN B 250 2.07 -25.44 9.74
CA ASN B 250 2.09 -26.70 8.98
C ASN B 250 3.26 -26.72 8.03
N THR B 251 3.56 -27.88 7.48
CA THR B 251 4.76 -28.02 6.65
C THR B 251 4.75 -27.07 5.47
N ALA B 252 3.64 -26.94 4.80
CA ALA B 252 3.58 -26.08 3.62
C ALA B 252 3.84 -24.62 3.98
N ASP B 253 3.25 -24.17 5.07
CA ASP B 253 3.52 -22.78 5.51
C ASP B 253 4.96 -22.59 5.91
N ALA B 254 5.57 -23.51 6.64
CA ALA B 254 6.97 -23.39 7.05
C ALA B 254 7.84 -23.33 5.80
N GLU B 255 7.56 -24.17 4.83
CA GLU B 255 8.33 -24.14 3.59
C GLU B 255 8.17 -22.86 2.82
N ALA B 256 6.97 -22.31 2.78
CA ALA B 256 6.75 -21.07 2.05
C ALA B 256 7.40 -19.89 2.76
N TYR B 257 7.37 -19.86 4.05
CA TYR B 257 8.07 -18.83 4.80
C TYR B 257 9.57 -18.88 4.54
N LEU B 258 10.19 -20.07 4.58
CA LEU B 258 11.59 -20.19 4.19
C LEU B 258 11.82 -19.65 2.80
N HIS B 259 10.96 -20.00 1.85
CA HIS B 259 11.13 -19.61 0.44
C HIS B 259 11.15 -18.10 0.31
N VAL B 260 10.24 -17.42 0.98
CA VAL B 260 10.24 -15.93 0.96
C VAL B 260 11.60 -15.43 1.41
N TRP B 261 12.11 -15.96 2.51
CA TRP B 261 13.42 -15.52 2.99
C TRP B 261 14.60 -15.91 2.16
N GLN B 262 14.54 -17.03 1.48
CA GLN B 262 15.60 -17.46 0.54
C GLN B 262 15.63 -16.48 -0.65
N VAL B 263 14.46 -16.26 -1.27
CA VAL B 263 14.40 -15.35 -2.40
C VAL B 263 14.90 -14.00 -1.94
N SER B 264 14.51 -13.55 -0.75
CA SER B 264 14.91 -12.23 -0.30
C SER B 264 16.43 -12.13 -0.10
N ALA B 265 17.07 -13.16 0.46
CA ALA B 265 18.52 -13.22 0.56
C ALA B 265 19.15 -13.08 -0.81
N HIS B 266 18.68 -13.83 -1.79
CA HIS B 266 19.21 -13.71 -3.17
C HIS B 266 19.06 -12.28 -3.66
N MET B 267 17.90 -11.69 -3.48
CA MET B 267 17.68 -10.35 -4.00
C MET B 267 18.49 -9.28 -3.28
N LEU B 268 18.89 -9.55 -2.04
CA LEU B 268 19.83 -8.68 -1.32
C LEU B 268 21.24 -8.87 -1.75
N GLY B 269 21.56 -9.81 -2.65
CA GLY B 269 22.88 -10.00 -3.12
C GLY B 269 23.63 -11.15 -2.49
N VAL B 270 22.99 -12.01 -1.71
CA VAL B 270 23.67 -13.19 -1.21
C VAL B 270 23.80 -14.25 -2.28
N SER B 271 24.98 -14.80 -2.52
CA SER B 271 25.10 -15.88 -3.48
C SER B 271 24.29 -17.08 -3.09
N ASP B 272 23.70 -17.78 -4.04
CA ASP B 272 22.92 -18.96 -3.74
C ASP B 272 23.74 -20.06 -3.11
N GLU B 273 25.07 -20.00 -3.26
CA GLU B 273 25.89 -20.99 -2.59
C GLU B 273 26.00 -20.82 -1.08
N TYR B 274 25.45 -19.73 -0.54
CA TYR B 274 25.45 -19.44 0.90
C TYR B 274 24.06 -19.46 1.51
N ILE B 275 23.02 -19.60 0.73
CA ILE B 275 21.65 -19.59 1.26
C ILE B 275 21.25 -21.00 1.62
N PRO B 276 20.84 -21.27 2.85
CA PRO B 276 20.51 -22.62 3.21
C PRO B 276 19.30 -23.14 2.47
N ALA B 277 19.37 -24.39 1.98
CA ALA B 277 18.33 -24.93 1.19
C ALA B 277 17.06 -25.41 1.91
N THR B 278 17.21 -25.77 3.15
CA THR B 278 16.19 -26.41 3.98
C THR B 278 16.19 -25.86 5.38
N TRP B 279 15.12 -26.07 6.14
CA TRP B 279 15.15 -25.73 7.53
C TRP B 279 16.18 -26.48 8.31
N ASP B 280 16.39 -27.76 7.99
CA ASP B 280 17.45 -28.50 8.72
C ASP B 280 18.77 -27.78 8.55
N ALA B 281 19.07 -27.40 7.33
CA ALA B 281 20.30 -26.71 7.09
C ALA B 281 20.39 -25.35 7.80
N ALA B 282 19.25 -24.60 7.71
CA ALA B 282 19.30 -23.30 8.35
C ALA B 282 19.44 -23.37 9.84
N ASN B 283 18.76 -24.33 10.47
CA ASN B 283 18.79 -24.42 11.91
C ASN B 283 20.19 -24.83 12.40
N ALA B 284 20.80 -25.76 11.66
CA ALA B 284 22.17 -26.13 12.00
C ALA B 284 23.16 -24.98 11.82
N GLN B 285 23.01 -24.22 10.74
CA GLN B 285 23.86 -23.10 10.48
C GLN B 285 23.74 -22.01 11.54
N SER B 286 22.53 -21.65 11.92
CA SER B 286 22.35 -20.67 12.95
C SER B 286 23.15 -20.95 14.24
N LYS B 287 23.16 -22.23 14.63
CA LYS B 287 23.97 -22.65 15.77
C LYS B 287 25.46 -22.41 15.57
N GLN B 288 25.95 -22.47 14.35
CA GLN B 288 27.36 -22.33 14.04
C GLN B 288 27.78 -20.91 13.79
N VAL B 289 26.89 -20.08 13.23
CA VAL B 289 27.31 -18.76 12.81
C VAL B 289 26.68 -17.62 13.56
N LEU B 290 25.52 -17.82 14.19
CA LEU B 290 24.90 -16.76 14.95
C LEU B 290 25.19 -16.92 16.44
N ASP B 291 24.85 -18.06 17.00
CA ASP B 291 25.07 -18.26 18.45
C ASP B 291 26.50 -17.89 18.91
N PRO B 292 27.55 -18.33 18.20
CA PRO B 292 28.93 -18.04 18.71
C PRO B 292 29.40 -16.61 18.66
N ILE B 293 28.74 -15.73 17.93
CA ILE B 293 29.20 -14.37 17.80
C ILE B 293 28.42 -13.40 18.65
N LEU B 294 27.32 -13.81 19.29
CA LEU B 294 26.50 -12.92 20.08
C LEU B 294 27.32 -12.45 21.28
N ALA B 295 27.36 -11.14 21.48
CA ALA B 295 28.19 -10.53 22.51
C ALA B 295 27.76 -9.11 22.76
N HIS B 296 27.96 -8.63 24.00
CA HIS B 296 27.81 -7.26 24.29
C HIS B 296 28.91 -6.42 23.63
N THR B 297 28.55 -5.25 23.16
CA THR B 297 29.53 -4.27 22.74
C THR B 297 29.07 -2.92 23.29
N PRO B 298 30.00 -1.97 23.51
CA PRO B 298 29.60 -0.59 23.80
C PRO B 298 28.67 0.05 22.80
N GLU B 299 28.91 -0.21 21.51
CA GLU B 299 28.06 0.31 20.45
C GLU B 299 26.64 -0.30 20.50
N GLY B 300 26.60 -1.61 20.64
CA GLY B 300 25.33 -2.31 20.80
C GLY B 300 24.53 -1.81 21.97
N GLU B 301 25.23 -1.60 23.09
CA GLU B 301 24.62 -1.04 24.32
C GLU B 301 23.91 0.29 24.05
N ALA B 302 24.59 1.17 23.31
CA ALA B 302 24.02 2.45 22.97
C ALA B 302 22.77 2.25 22.15
N LEU B 303 22.83 1.33 21.19
CA LEU B 303 21.69 1.09 20.34
C LEU B 303 20.48 0.48 21.07
N THR B 304 20.71 -0.45 21.99
CA THR B 304 19.63 -1.01 22.78
C THR B 304 18.84 0.11 23.49
N GLU B 305 19.57 1.06 24.06
CA GLU B 305 18.86 2.13 24.82
C GLU B 305 18.07 3.00 23.88
N VAL B 306 18.60 3.28 22.70
CA VAL B 306 17.84 4.00 21.70
C VAL B 306 16.58 3.22 21.29
N LEU B 307 16.75 1.93 20.97
CA LEU B 307 15.56 1.17 20.58
C LEU B 307 14.52 1.09 21.71
N LEU B 308 14.96 0.84 22.92
CA LEU B 308 14.01 0.70 24.03
C LEU B 308 13.22 2.00 24.22
N GLY B 309 13.91 3.13 24.00
CA GLY B 309 13.28 4.44 24.02
C GLY B 309 12.25 4.64 22.95
N ILE B 310 12.58 4.25 21.73
CA ILE B 310 11.66 4.34 20.61
C ILE B 310 10.39 3.55 20.89
N VAL B 311 10.53 2.32 21.33
CA VAL B 311 9.36 1.47 21.52
C VAL B 311 8.48 1.94 22.68
N ALA B 312 9.11 2.31 23.78
CA ALA B 312 8.39 2.85 24.93
C ALA B 312 7.65 4.17 24.58
N GLU B 313 8.19 4.95 23.65
CA GLU B 313 7.53 6.18 23.16
C GLU B 313 6.31 5.99 22.24
N LEU B 314 6.12 4.80 21.67
CA LEU B 314 5.00 4.57 20.79
C LEU B 314 3.75 4.58 21.60
N ASP B 315 2.61 4.81 20.94
CA ASP B 315 1.31 4.85 21.65
C ASP B 315 0.73 3.43 21.69
N ALA B 316 1.52 2.50 22.15
CA ALA B 316 1.15 1.10 22.13
C ALA B 316 0.87 0.52 23.50
N GLY B 317 1.34 1.18 24.57
CA GLY B 317 1.22 0.62 25.90
C GLY B 317 2.32 -0.37 26.19
N LEU B 318 3.37 -0.43 25.38
CA LEU B 318 4.52 -1.27 25.69
C LEU B 318 5.47 -0.53 26.56
N THR B 319 5.30 -0.76 27.84
CA THR B 319 6.10 -0.09 28.85
C THR B 319 7.46 -0.77 28.95
N ARG B 320 8.42 -0.09 29.53
CA ARG B 320 9.74 -0.70 29.68
C ARG B 320 9.70 -2.04 30.44
N PRO B 321 8.91 -2.18 31.48
CA PRO B 321 8.92 -3.48 32.15
C PRO B 321 8.35 -4.58 31.25
N LEU B 322 7.31 -4.27 30.49
CA LEU B 322 6.76 -5.31 29.56
C LEU B 322 7.77 -5.67 28.50
N ILE B 323 8.42 -4.66 27.93
CA ILE B 323 9.37 -4.89 26.83
C ILE B 323 10.48 -5.77 27.36
N GLY B 324 11.03 -5.39 28.53
CA GLY B 324 12.12 -6.13 29.06
C GLY B 324 11.78 -7.58 29.36
N ALA B 325 10.64 -7.79 30.03
CA ALA B 325 10.26 -9.12 30.45
C ALA B 325 9.94 -9.98 29.20
N PHE B 326 9.14 -9.46 28.30
CA PHE B 326 8.82 -10.21 27.09
C PHE B 326 10.05 -10.47 26.24
N SER B 327 10.96 -9.53 26.16
CA SER B 327 12.15 -9.72 25.36
C SER B 327 13.11 -10.73 25.98
N ARG B 328 13.27 -10.71 27.32
CA ARG B 328 14.06 -11.73 27.95
C ARG B 328 13.47 -13.11 27.77
N TYR B 329 12.14 -13.21 27.84
CA TYR B 329 11.51 -14.46 27.61
C TYR B 329 11.75 -14.98 26.18
N THR B 330 11.65 -14.06 25.26
CA THR B 330 11.79 -14.40 23.82
C THR B 330 13.23 -14.73 23.46
N LEU B 331 14.16 -13.93 23.95
CA LEU B 331 15.59 -14.12 23.60
C LEU B 331 16.33 -15.05 24.46
N GLY B 332 15.80 -15.31 25.64
CA GLY B 332 16.54 -16.14 26.64
C GLY B 332 17.41 -15.25 27.48
N GLY B 333 17.69 -15.79 28.66
CA GLY B 333 18.47 -15.08 29.65
C GLY B 333 19.89 -14.72 29.29
N GLU B 334 20.53 -15.60 28.54
CA GLU B 334 21.95 -15.37 28.13
C GLU B 334 22.08 -14.19 27.19
N VAL B 335 21.21 -14.15 26.19
CA VAL B 335 21.21 -13.01 25.30
C VAL B 335 20.63 -11.78 25.97
N GLY B 336 19.61 -11.94 26.83
CA GLY B 336 19.11 -10.81 27.53
C GLY B 336 20.19 -10.15 28.41
N ASP B 337 21.00 -10.98 29.05
CA ASP B 337 22.11 -10.49 29.89
C ASP B 337 23.16 -9.77 29.03
N MET B 338 23.45 -10.31 27.83
CA MET B 338 24.36 -9.61 26.92
C MET B 338 23.92 -8.23 26.49
N ILE B 339 22.63 -8.07 26.25
CA ILE B 339 22.03 -6.82 25.88
C ILE B 339 21.87 -5.89 27.11
N GLY B 340 21.88 -6.43 28.32
CA GLY B 340 21.68 -5.65 29.55
C GLY B 340 20.24 -5.54 30.01
N LEU B 341 19.34 -6.44 29.56
CA LEU B 341 17.98 -6.37 30.00
C LEU B 341 17.91 -6.98 31.41
N ALA B 342 17.50 -6.19 32.39
CA ALA B 342 17.49 -6.70 33.75
C ALA B 342 16.43 -7.77 33.94
N LYS B 343 16.76 -8.75 34.76
CA LYS B 343 15.81 -9.76 35.22
C LYS B 343 14.74 -9.13 36.14
N GLN B 344 13.49 -9.45 35.86
CA GLN B 344 12.31 -9.08 36.62
C GLN B 344 11.63 -10.38 37.04
N PRO B 345 11.98 -10.95 38.21
CA PRO B 345 11.60 -12.33 38.49
C PRO B 345 10.10 -12.59 38.43
N VAL B 346 9.30 -11.71 39.02
CA VAL B 346 7.86 -11.98 39.02
C VAL B 346 7.26 -11.80 37.63
N LEU B 347 7.52 -10.69 37.01
CA LEU B 347 6.88 -10.41 35.71
C LEU B 347 7.33 -11.40 34.67
N GLU B 348 8.57 -11.76 34.67
CA GLU B 348 9.06 -12.80 33.76
C GLU B 348 8.42 -14.11 33.95
N ARG B 349 8.19 -14.51 35.18
CA ARG B 349 7.59 -15.79 35.47
CA ARG B 349 7.59 -15.78 35.47
C ARG B 349 6.12 -15.77 35.06
N LEU B 350 5.43 -14.67 35.27
CA LEU B 350 4.01 -14.56 34.88
C LEU B 350 3.92 -14.78 33.36
N ILE B 351 4.75 -14.05 32.64
CA ILE B 351 4.72 -14.12 31.15
C ILE B 351 5.14 -15.47 30.69
N ALA B 352 6.26 -15.97 31.19
CA ALA B 352 6.82 -17.18 30.68
C ALA B 352 5.98 -18.37 30.90
N THR B 353 5.28 -18.48 32.03
CA THR B 353 4.43 -19.60 32.32
C THR B 353 3.12 -19.56 31.53
N ALA B 354 2.60 -18.41 31.19
CA ALA B 354 1.31 -18.31 30.58
C ALA B 354 1.33 -17.98 29.07
N TRP B 355 2.44 -17.51 28.54
CA TRP B 355 2.41 -17.10 27.14
C TRP B 355 2.01 -18.26 26.21
N PRO B 356 2.52 -19.48 26.42
CA PRO B 356 2.07 -20.58 25.52
C PRO B 356 0.57 -20.85 25.65
N LEU B 357 -0.02 -20.55 26.79
CA LEU B 357 -1.49 -20.72 26.93
C LEU B 357 -2.22 -19.68 26.13
N LEU B 358 -1.73 -18.41 26.15
CA LEU B 358 -2.34 -17.40 25.32
C LEU B 358 -2.24 -17.78 23.85
N VAL B 359 -1.08 -18.31 23.45
CA VAL B 359 -0.90 -18.69 22.06
C VAL B 359 -1.86 -19.81 21.69
N ALA B 360 -1.93 -20.84 22.54
CA ALA B 360 -2.84 -21.92 22.23
C ALA B 360 -4.27 -21.46 22.19
N PHE B 361 -4.65 -20.53 23.03
CA PHE B 361 -6.03 -20.00 22.98
C PHE B 361 -6.25 -19.27 21.66
N ARG B 362 -5.31 -18.43 21.28
CA ARG B 362 -5.49 -17.64 20.04
C ARG B 362 -5.50 -18.51 18.80
N GLU B 363 -4.78 -19.64 18.88
CA GLU B 363 -4.74 -20.64 17.82
C GLU B 363 -5.98 -21.53 17.81
N GLY B 364 -6.88 -21.37 18.76
CA GLY B 364 -8.14 -22.07 18.78
C GLY B 364 -8.08 -23.42 19.36
N LEU B 365 -7.01 -23.75 20.10
CA LEU B 365 -6.78 -25.09 20.58
C LEU B 365 -7.25 -25.39 21.97
N ILE B 366 -7.39 -24.37 22.81
CA ILE B 366 -7.83 -24.60 24.18
C ILE B 366 -8.90 -23.58 24.58
N PRO B 367 -9.69 -23.90 25.58
CA PRO B 367 -10.61 -22.90 26.12
C PRO B 367 -9.84 -21.77 26.78
N LEU B 368 -10.54 -20.67 27.04
CA LEU B 368 -9.93 -19.50 27.64
C LEU B 368 -9.19 -19.85 28.95
N PRO B 369 -7.87 -19.62 28.99
CA PRO B 369 -7.08 -20.01 30.14
C PRO B 369 -7.12 -18.89 31.15
N ALA B 370 -7.14 -19.31 32.43
CA ALA B 370 -7.07 -18.32 33.50
C ALA B 370 -5.61 -18.01 33.70
N VAL B 371 -5.18 -16.93 33.11
CA VAL B 371 -3.77 -16.53 33.14
C VAL B 371 -3.75 -15.16 33.85
N PRO B 372 -2.56 -14.74 34.26
CA PRO B 372 -2.48 -13.37 34.83
C PRO B 372 -2.97 -12.32 33.83
N ALA B 373 -3.61 -11.26 34.35
CA ALA B 373 -4.17 -10.21 33.52
C ALA B 373 -3.15 -9.53 32.66
N VAL B 374 -1.91 -9.45 33.12
CA VAL B 374 -0.87 -8.76 32.39
C VAL B 374 -0.62 -9.43 31.03
N LEU B 375 -0.94 -10.74 30.92
CA LEU B 375 -0.81 -11.39 29.59
C LEU B 375 -1.68 -10.75 28.60
N TRP B 376 -2.91 -10.47 28.97
CA TRP B 376 -3.82 -9.82 28.01
C TRP B 376 -3.41 -8.39 27.71
N THR B 377 -2.86 -7.70 28.69
CA THR B 377 -2.29 -6.37 28.49
C THR B 377 -1.13 -6.39 27.50
N LEU B 378 -0.23 -7.34 27.68
CA LEU B 378 0.88 -7.53 26.79
C LEU B 378 0.44 -7.84 25.42
N GLU B 379 -0.48 -8.78 25.28
CA GLU B 379 -0.93 -9.11 23.95
C GLU B 379 -1.53 -7.88 23.21
N GLU B 380 -2.32 -7.06 23.90
CA GLU B 380 -2.88 -5.88 23.26
C GLU B 380 -1.83 -4.89 22.89
N ALA B 381 -0.81 -4.72 23.73
CA ALA B 381 0.29 -3.84 23.45
C ALA B 381 1.08 -4.32 22.24
N LEU B 382 1.29 -5.63 22.13
CA LEU B 382 1.94 -6.18 20.95
C LEU B 382 1.14 -5.96 19.71
N ARG B 383 -0.16 -6.14 19.77
CA ARG B 383 -0.99 -5.93 18.58
C ARG B 383 -0.90 -4.47 18.15
N LYS B 384 -0.95 -3.53 19.08
CA LYS B 384 -0.81 -2.11 18.71
C LYS B 384 0.57 -1.82 18.17
N PHE B 385 1.61 -2.40 18.74
CA PHE B 385 2.97 -2.23 18.26
C PHE B 385 3.09 -2.68 16.81
N VAL B 386 2.58 -3.85 16.49
CA VAL B 386 2.67 -4.38 15.14
C VAL B 386 1.90 -3.48 14.17
N LEU B 387 0.71 -3.04 14.54
CA LEU B 387 -0.08 -2.14 13.68
C LEU B 387 0.64 -0.86 13.48
N LEU B 388 1.33 -0.32 14.48
CA LEU B 388 2.09 0.89 14.28
C LEU B 388 3.26 0.67 13.32
N PHE B 389 3.95 -0.47 13.39
CA PHE B 389 5.04 -0.77 12.47
C PHE B 389 4.50 -1.05 11.08
N LEU B 390 3.32 -1.61 10.94
CA LEU B 390 2.65 -1.67 9.63
C LEU B 390 2.30 -0.27 9.09
N SER B 391 1.69 0.57 9.91
CA SER B 391 1.31 1.94 9.50
C SER B 391 2.49 2.78 9.05
N GLU B 392 3.56 2.81 9.84
CA GLU B 392 4.50 3.96 9.76
C GLU B 392 5.57 3.71 8.69
N GLY B 393 6.27 2.59 8.81
CA GLY B 393 7.48 2.42 8.02
C GLY B 393 7.26 1.99 6.58
N ARG B 394 6.06 1.49 6.21
CA ARG B 394 5.90 0.84 4.91
CA ARG B 394 5.80 0.91 4.89
C ARG B 394 6.45 1.77 3.80
N ARG B 395 5.90 2.97 3.65
CA ARG B 395 6.25 3.88 2.58
C ARG B 395 7.00 5.10 3.17
N ILE B 396 8.23 4.79 3.58
CA ILE B 396 9.42 5.69 3.56
C ILE B 396 10.26 5.28 2.30
N ALA B 397 11.33 6.03 1.99
CA ALA B 397 12.16 5.76 0.80
C ALA B 397 13.52 5.40 1.31
N ILE B 398 14.20 4.50 0.62
CA ILE B 398 15.56 4.12 1.02
C ILE B 398 16.53 4.93 0.21
N ASP B 399 17.34 5.71 0.89
CA ASP B 399 18.31 6.57 0.22
C ASP B 399 19.70 6.01 0.37
N ILE B 400 20.52 6.25 -0.60
CA ILE B 400 21.94 5.87 -0.56
C ILE B 400 22.62 6.90 0.36
N PRO B 401 23.47 6.47 1.29
CA PRO B 401 24.20 7.45 2.11
C PRO B 401 25.37 8.05 1.34
N ASP B 402 25.91 9.17 1.80
CA ASP B 402 27.15 9.69 1.18
C ASP B 402 28.21 10.07 2.19
N VAL B 403 29.24 10.75 1.70
CA VAL B 403 30.28 11.36 2.56
C VAL B 403 29.75 12.52 3.39
CHA HEM C . -20.41 3.84 -1.06
CHB HEM C . -18.35 4.23 -5.33
CHC HEM C . -22.32 6.27 -7.07
CHD HEM C . -23.90 6.78 -2.59
C1A HEM C . -19.58 3.75 -2.13
C2A HEM C . -18.29 3.10 -2.01
C3A HEM C . -17.70 3.24 -3.20
C4A HEM C . -18.57 3.90 -4.06
CMA HEM C . -16.31 2.74 -3.52
CAA HEM C . -17.68 2.39 -0.78
CBA HEM C . -17.01 3.43 0.14
CGA HEM C . -16.07 2.75 1.05
O1A HEM C . -16.63 2.21 2.02
O2A HEM C . -14.80 2.75 0.80
C1B HEM C . -19.28 4.78 -6.20
C2B HEM C . -19.01 5.00 -7.57
C3B HEM C . -20.09 5.55 -8.11
C4B HEM C . -21.06 5.72 -7.04
CMB HEM C . -17.73 4.66 -8.32
CAB HEM C . -20.48 5.93 -9.44
CBB HEM C . -19.72 5.80 -10.64
C1C HEM C . -23.12 6.60 -5.99
C2C HEM C . -24.28 7.46 -6.12
C3C HEM C . -24.72 7.56 -4.84
C4C HEM C . -23.78 6.85 -4.00
CMC HEM C . -24.89 7.96 -7.40
CAC HEM C . -25.88 8.33 -4.36
CBC HEM C . -26.90 8.96 -5.06
C1D HEM C . -23.08 6.03 -1.80
C2D HEM C . -23.28 5.84 -0.35
C3D HEM C . -22.33 5.03 0.09
C4D HEM C . -21.53 4.67 -1.08
CMD HEM C . -24.35 6.54 0.40
CAD HEM C . -22.11 4.55 1.55
CBD HEM C . -21.25 5.62 2.24
CGD HEM C . -21.08 5.22 3.70
O1D HEM C . -19.91 5.00 4.09
O2D HEM C . -22.03 5.09 4.52
NA HEM C . -19.75 4.21 -3.39
NB HEM C . -20.51 5.26 -5.95
NC HEM C . -22.79 6.25 -4.71
ND HEM C . -22.05 5.25 -2.21
FE HEM C . -21.30 5.22 -4.06
N1 IMD D . -19.94 9.11 -3.56
C2 IMD D . -20.53 8.13 -4.27
N3 IMD D . -20.34 7.02 -3.60
C4 IMD D . -19.68 7.28 -2.43
C5 IMD D . -19.42 8.62 -2.44
N1 IMD E . -18.28 11.64 -6.57
C2 IMD E . -16.96 11.61 -6.27
N3 IMD E . -16.28 12.14 -7.29
C4 IMD E . -17.18 12.48 -8.24
C5 IMD E . -18.46 12.18 -7.79
O6 BU3 F . -4.58 6.02 -12.38
C3 BU3 F . -4.50 6.76 -11.18
C4 BU3 F . -5.96 7.04 -10.86
C2 BU3 F . -3.68 8.00 -11.44
O5 BU3 F . -2.44 7.61 -12.03
C1 BU3 F . -3.38 8.81 -10.17
C1 EDO G . -8.37 -8.28 -26.69
O1 EDO G . -7.76 -8.24 -25.40
C2 EDO G . -7.61 -7.40 -27.68
O2 EDO G . -8.39 -7.17 -28.86
CHA HEM H . 20.92 -0.42 5.75
CHB HEM H . 18.38 -4.47 5.55
CHC HEM H . 22.31 -6.90 6.85
CHD HEM H . 24.44 -2.80 7.93
C1A HEM H . 19.95 -1.33 5.50
C2A HEM H . 18.60 -0.94 5.07
C3A HEM H . 17.85 -2.11 5.01
C4A HEM H . 18.72 -3.13 5.44
CMA HEM H . 16.40 -2.26 4.64
CAA HEM H . 18.12 0.41 4.65
CBA HEM H . 17.61 1.15 5.88
CGA HEM H . 16.65 2.24 5.52
O1A HEM H . 15.38 2.01 5.63
O2A HEM H . 17.22 3.24 5.06
C1B HEM H . 19.24 -5.52 5.87
C2B HEM H . 18.90 -6.91 5.83
C3B HEM H . 19.98 -7.60 6.18
C4B HEM H . 21.03 -6.58 6.42
CMB HEM H . 17.51 -7.41 5.52
CAB HEM H . 20.19 -9.01 6.27
CBB HEM H . 19.31 -10.10 6.08
C1C HEM H . 23.27 -6.02 7.29
C2C HEM H . 24.47 -6.42 7.93
C3C HEM H . 25.03 -5.17 8.25
C4C HEM H . 24.20 -4.16 7.81
CMC HEM H . 24.94 -7.81 8.15
CAC HEM H . 26.30 -4.92 8.94
CBC HEM H . 27.31 -5.83 9.30
C1D HEM H . 23.66 -1.82 7.39
C2D HEM H . 24.03 -0.41 7.47
C3D HEM H . 23.04 0.28 6.90
C4D HEM H . 22.09 -0.71 6.40
CMD HEM H . 25.25 0.15 8.23
CAD HEM H . 22.91 1.82 6.69
CBD HEM H . 22.23 2.28 8.00
CGD HEM H . 22.11 3.76 7.89
O1D HEM H . 21.11 4.27 7.38
O2D HEM H . 23.05 4.41 8.33
NA HEM H . 20.01 -2.68 5.75
NB HEM H . 20.52 -5.40 6.20
NC HEM H . 23.09 -4.68 7.19
ND HEM H . 22.51 -1.95 6.70
FE HEM H . 21.55 -3.66 6.43
N1 IMD I . 20.86 -3.46 8.35
C2 IMD I . 20.95 -4.37 9.33
N3 IMD I . 20.52 -3.75 10.45
C4 IMD I . 20.17 -2.52 10.15
C5 IMD I . 20.38 -2.31 8.82
N1 IMD J . 18.87 -6.71 12.40
C2 IMD J . 17.63 -6.24 12.54
N3 IMD J . 16.87 -7.21 13.05
C4 IMD J . 17.69 -8.31 13.26
C5 IMD J . 18.96 -7.98 12.85
O6 BU3 K . 3.77 -9.83 7.35
C3 BU3 K . 3.95 -8.83 8.37
C4 BU3 K . 5.42 -8.74 8.70
C2 BU3 K . 3.14 -9.28 9.57
O5 BU3 K . 1.80 -9.54 9.13
C1 BU3 K . 3.14 -8.26 10.71
C1 EDO L . 0.10 -28.17 4.95
O1 EDO L . 1.36 -28.84 4.92
C2 EDO L . -0.80 -28.48 3.77
O2 EDO L . -1.71 -27.38 3.72
#